data_4RO4
# 
_entry.id   4RO4 
# 
_audit_conform.dict_name       mmcif_pdbx.dic 
_audit_conform.dict_version    5.379 
_audit_conform.dict_location   http://mmcif.pdb.org/dictionaries/ascii/mmcif_pdbx.dic 
# 
loop_
_database_2.database_id 
_database_2.database_code 
_database_2.pdbx_database_accession 
_database_2.pdbx_DOI 
PDB   4RO4         pdb_00004ro4 10.2210/pdb4ro4/pdb 
NDB   NA3261       ?            ?                   
RCSB  RCSB087585   ?            ?                   
WWPDB D_1000087585 ?            ?                   
# 
loop_
_pdbx_database_related.db_name 
_pdbx_database_related.db_id 
_pdbx_database_related.details 
_pdbx_database_related.content_type 
PDB 1p1y 'Crystal structure of a continuous three-dimensional DNA lattice.'             unspecified 
PDB 4RNK 'Sequence and structure of a self-assembling 3D DNA crystal: D(GGAAAATTTGGAG)' unspecified 
# 
_pdbx_database_status.status_code                     REL 
_pdbx_database_status.entry_id                        4RO4 
_pdbx_database_status.recvd_initial_deposition_date   2014-10-27 
_pdbx_database_status.deposit_site                    RCSB 
_pdbx_database_status.process_site                    RCSB 
_pdbx_database_status.status_code_sf                  REL 
_pdbx_database_status.status_code_mr                  ? 
_pdbx_database_status.SG_entry                        ? 
_pdbx_database_status.status_code_cs                  ? 
_pdbx_database_status.methods_development_category    ? 
_pdbx_database_status.pdb_format_compatible           Y 
_pdbx_database_status.status_code_nmr_data            ? 
# 
loop_
_audit_author.name 
_audit_author.pdbx_ordinal 
'Saoji, M.M.'      1 
'Paukstelis, P.J.' 2 
# 
loop_
_citation.id 
_citation.title 
_citation.journal_abbrev 
_citation.journal_volume 
_citation.page_first 
_citation.page_last 
_citation.year 
_citation.journal_id_ASTM 
_citation.country 
_citation.journal_id_ISSN 
_citation.journal_id_CSD 
_citation.book_publisher 
_citation.pdbx_database_id_PubMed 
_citation.pdbx_database_id_DOI 
primary 'Probing the role of sequence in the assembly of three-dimensional DNA crystals.' Biopolymers 103 618  626  2015 BIPMAA US 
0006-3525 0161 ? 26015367 10.1002/bip.22688              
1       'Crystal structure of a continuous three-dimensional DNA lattice.'                Chem.Biol.  11  1119 1126 2004 CBOLE2 UK 
1074-5521 2050 ? 15324813 10.1016/j.chembiol.2004.05.021 
# 
loop_
_citation_author.citation_id 
_citation_author.name 
_citation_author.ordinal 
_citation_author.identifier_ORCID 
primary 'Saoji, M.'        1 ? 
primary 'Zhang, D.'        2 ? 
primary 'Paukstelis, P.J.' 3 ? 
1       'Paukstelis, P.J.' 4 ? 
1       'Nowakowski, J.'   5 ? 
1       'Birktoft, J.J.'   6 ? 
1       'Seeman, N.C.'     7 ? 
# 
_cell.entry_id           4RO4 
_cell.length_a           40.399 
_cell.length_b           40.399 
_cell.length_c           54.627 
_cell.angle_alpha        90.00 
_cell.angle_beta         90.00 
_cell.angle_gamma        120.00 
_cell.Z_PDB              6 
_cell.pdbx_unique_axis   ? 
_cell.length_a_esd       ? 
_cell.length_b_esd       ? 
_cell.length_c_esd       ? 
_cell.angle_alpha_esd    ? 
_cell.angle_beta_esd     ? 
_cell.angle_gamma_esd    ? 
# 
_symmetry.entry_id                         4RO4 
_symmetry.space_group_name_H-M             'P 64' 
_symmetry.pdbx_full_space_group_name_H-M   ? 
_symmetry.cell_setting                     ? 
_symmetry.Int_Tables_number                172 
_symmetry.space_group_name_Hall            ? 
# 
loop_
_entity.id 
_entity.type 
_entity.src_method 
_entity.pdbx_description 
_entity.formula_weight 
_entity.pdbx_number_of_molecules 
_entity.pdbx_ec 
_entity.pdbx_mutation 
_entity.pdbx_fragment 
_entity.details 
1 polymer     syn 'D(GGAAACGTTGGAG)' 4080.672 1 ? ? ? ? 
2 non-polymer syn 'MAGNESIUM ION'    24.305   1 ? ? ? ? 
3 water       nat water              18.015   8 ? ? ? ? 
# 
_entity_poly.entity_id                      1 
_entity_poly.type                           polydeoxyribonucleotide 
_entity_poly.nstd_linkage                   no 
_entity_poly.nstd_monomer                   no 
_entity_poly.pdbx_seq_one_letter_code       '(DG)(DG)(DA)(DA)(DA)(DC)(DG)(DT)(DT)(DG)(DG)(DA)(DG)' 
_entity_poly.pdbx_seq_one_letter_code_can   GGAAACGTTGGAG 
_entity_poly.pdbx_strand_id                 A 
_entity_poly.pdbx_target_identifier         ? 
# 
loop_
_entity_poly_seq.entity_id 
_entity_poly_seq.num 
_entity_poly_seq.mon_id 
_entity_poly_seq.hetero 
1 1  DG n 
1 2  DG n 
1 3  DA n 
1 4  DA n 
1 5  DA n 
1 6  DC n 
1 7  DG n 
1 8  DT n 
1 9  DT n 
1 10 DG n 
1 11 DG n 
1 12 DA n 
1 13 DG n 
# 
_pdbx_entity_src_syn.entity_id              1 
_pdbx_entity_src_syn.pdbx_src_id            1 
_pdbx_entity_src_syn.pdbx_alt_source_flag   sample 
_pdbx_entity_src_syn.pdbx_beg_seq_num       ? 
_pdbx_entity_src_syn.pdbx_end_seq_num       ? 
_pdbx_entity_src_syn.organism_scientific    ? 
_pdbx_entity_src_syn.organism_common_name   ? 
_pdbx_entity_src_syn.ncbi_taxonomy_id       ? 
_pdbx_entity_src_syn.details                'Artificial DNA molecule synthesized using a DNA synthesizer.' 
# 
_struct_ref.id                         1 
_struct_ref.db_name                    PDB 
_struct_ref.db_code                    4RO4 
_struct_ref.pdbx_db_accession          4RO4 
_struct_ref.entity_id                  1 
_struct_ref.pdbx_align_begin           ? 
_struct_ref.pdbx_seq_one_letter_code   GGAAACGTTGGAG 
_struct_ref.pdbx_db_isoform            ? 
# 
_struct_ref_seq.align_id                      1 
_struct_ref_seq.ref_id                        1 
_struct_ref_seq.pdbx_PDB_id_code              4RO4 
_struct_ref_seq.pdbx_strand_id                A 
_struct_ref_seq.seq_align_beg                 1 
_struct_ref_seq.pdbx_seq_align_beg_ins_code   ? 
_struct_ref_seq.seq_align_end                 13 
_struct_ref_seq.pdbx_seq_align_end_ins_code   ? 
_struct_ref_seq.pdbx_db_accession             4RO4 
_struct_ref_seq.db_align_beg                  1 
_struct_ref_seq.pdbx_db_align_beg_ins_code    ? 
_struct_ref_seq.db_align_end                  13 
_struct_ref_seq.pdbx_db_align_end_ins_code    ? 
_struct_ref_seq.pdbx_auth_seq_align_beg       1 
_struct_ref_seq.pdbx_auth_seq_align_end       13 
# 
loop_
_chem_comp.id 
_chem_comp.type 
_chem_comp.mon_nstd_flag 
_chem_comp.name 
_chem_comp.pdbx_synonyms 
_chem_comp.formula 
_chem_comp.formula_weight 
DA  'DNA linking' y "2'-DEOXYADENOSINE-5'-MONOPHOSPHATE" ? 'C10 H14 N5 O6 P' 331.222 
DC  'DNA linking' y "2'-DEOXYCYTIDINE-5'-MONOPHOSPHATE"  ? 'C9 H14 N3 O7 P'  307.197 
DG  'DNA linking' y "2'-DEOXYGUANOSINE-5'-MONOPHOSPHATE" ? 'C10 H14 N5 O7 P' 347.221 
DT  'DNA linking' y "THYMIDINE-5'-MONOPHOSPHATE"         ? 'C10 H15 N2 O8 P' 322.208 
HOH non-polymer   . WATER                                ? 'H2 O'            18.015  
MG  non-polymer   . 'MAGNESIUM ION'                      ? 'Mg 2'            24.305  
# 
_exptl.entry_id          4RO4 
_exptl.method            'X-RAY DIFFRACTION' 
_exptl.crystals_number   1 
# 
_exptl_crystal.id                    1 
_exptl_crystal.density_meas          ? 
_exptl_crystal.density_Matthews      3.15 
_exptl_crystal.density_percent_sol   61.00 
_exptl_crystal.description           ? 
_exptl_crystal.F_000                 ? 
_exptl_crystal.preparation           ? 
# 
_exptl_crystal_grow.crystal_id      1 
_exptl_crystal_grow.method          EVAPORATION 
_exptl_crystal_grow.temp            298 
_exptl_crystal_grow.temp_details    ? 
_exptl_crystal_grow.pH              ? 
_exptl_crystal_grow.pdbx_details    
'120mM Magnesium Formate, 50mM Lithium Chloride, 10% MPD, pH none, EVAPORATION, temperature 298K' 
_exptl_crystal_grow.pdbx_pH_range   none 
# 
_diffrn.id                     1 
_diffrn.ambient_temp           100 
_diffrn.ambient_temp_details   ? 
_diffrn.crystal_id             1 
# 
_diffrn_detector.diffrn_id              1 
_diffrn_detector.detector               PIXEL 
_diffrn_detector.type                   'DECTRIS PILATUS 6M-F' 
_diffrn_detector.pdbx_collection_date   2014-06-29 
_diffrn_detector.details                ? 
# 
_diffrn_radiation.diffrn_id                        1 
_diffrn_radiation.wavelength_id                    1 
_diffrn_radiation.pdbx_monochromatic_or_laue_m_l   M 
_diffrn_radiation.monochromator                    'Si(111)' 
_diffrn_radiation.pdbx_diffrn_protocol             'SINGLE WAVELENGTH' 
_diffrn_radiation.pdbx_scattering_type             x-ray 
# 
_diffrn_radiation_wavelength.id           1 
_diffrn_radiation_wavelength.wavelength   0.979200 
_diffrn_radiation_wavelength.wt           1.0 
# 
_diffrn_source.diffrn_id                   1 
_diffrn_source.source                      SYNCHROTRON 
_diffrn_source.type                        'APS BEAMLINE 24-ID-C' 
_diffrn_source.pdbx_synchrotron_site       APS 
_diffrn_source.pdbx_synchrotron_beamline   24-ID-C 
_diffrn_source.pdbx_wavelength             ? 
_diffrn_source.pdbx_wavelength_list        0.979200 
# 
_reflns.entry_id                     4RO4 
_reflns.observed_criterion_sigma_I   0 
_reflns.observed_criterion_sigma_F   0 
_reflns.d_resolution_low             34.99 
_reflns.d_resolution_high            2.04 
_reflns.number_obs                   3261 
_reflns.number_all                   ? 
_reflns.percent_possible_obs         ? 
_reflns.pdbx_Rmerge_I_obs            0.034 
_reflns.pdbx_Rsym_value              ? 
_reflns.pdbx_netI_over_sigmaI        24.3 
_reflns.B_iso_Wilson_estimate        ? 
_reflns.pdbx_redundancy              3.8 
_reflns.R_free_details               ? 
_reflns.limit_h_max                  ? 
_reflns.limit_h_min                  ? 
_reflns.limit_k_max                  ? 
_reflns.limit_k_min                  ? 
_reflns.limit_l_max                  ? 
_reflns.limit_l_min                  ? 
_reflns.observed_criterion_F_max     ? 
_reflns.observed_criterion_F_min     ? 
_reflns.pdbx_chi_squared             ? 
_reflns.pdbx_scaling_rejects         ? 
_reflns.pdbx_ordinal                 1 
_reflns.pdbx_diffrn_id               1 
# 
_reflns_shell.d_res_high             2.04 
_reflns_shell.d_res_low              2.15 
_reflns_shell.percent_possible_all   ? 
_reflns_shell.Rmerge_I_obs           0.911 
_reflns_shell.pdbx_Rsym_value        ? 
_reflns_shell.meanI_over_sigI_obs    1.3 
_reflns_shell.pdbx_redundancy        3.9 
_reflns_shell.percent_possible_obs   ? 
_reflns_shell.number_unique_all      483 
_reflns_shell.number_measured_all    ? 
_reflns_shell.number_measured_obs    ? 
_reflns_shell.number_unique_obs      ? 
_reflns_shell.pdbx_chi_squared       ? 
_reflns_shell.pdbx_ordinal           1 
_reflns_shell.pdbx_diffrn_id         1 
# 
_refine.entry_id                                 4RO4 
_refine.ls_number_reflns_obs                     2952 
_refine.ls_number_reflns_all                     ? 
_refine.pdbx_ls_sigma_I                          ? 
_refine.pdbx_ls_sigma_F                          . 
_refine.pdbx_data_cutoff_high_absF               ? 
_refine.pdbx_data_cutoff_low_absF                ? 
_refine.pdbx_data_cutoff_high_rms_absF           ? 
_refine.ls_d_res_low                             34.99 
_refine.ls_d_res_high                            2.04 
_refine.ls_percent_reflns_obs                    98.63 
_refine.ls_R_factor_obs                          0.22913 
_refine.ls_R_factor_all                          ? 
_refine.ls_R_factor_R_work                       0.22603 
_refine.ls_R_factor_R_free                       0.25992 
_refine.ls_R_factor_R_free_error                 ? 
_refine.ls_R_factor_R_free_error_details         ? 
_refine.ls_percent_reflns_R_free                 8.6 
_refine.ls_number_reflns_R_free                  277 
_refine.ls_number_parameters                     ? 
_refine.ls_number_restraints                     ? 
_refine.occupancy_min                            ? 
_refine.occupancy_max                            ? 
_refine.correlation_coeff_Fo_to_Fc               0.966 
_refine.correlation_coeff_Fo_to_Fc_free          0.951 
_refine.B_iso_mean                               75.923 
_refine.aniso_B[1][1]                            -0.26 
_refine.aniso_B[2][2]                            -0.26 
_refine.aniso_B[3][3]                            0.86 
_refine.aniso_B[1][2]                            -0.13 
_refine.aniso_B[1][3]                            -0.00 
_refine.aniso_B[2][3]                            0.00 
_refine.solvent_model_details                    MASK 
_refine.solvent_model_param_ksol                 ? 
_refine.solvent_model_param_bsol                 ? 
_refine.pdbx_solvent_vdw_probe_radii             1.40 
_refine.pdbx_solvent_ion_probe_radii             1.20 
_refine.pdbx_solvent_shrinkage_radii             1.20 
_refine.pdbx_ls_cross_valid_method               THROUGHOUT 
_refine.details                                  'HYDROGENS HAVE BEEN ADDED IN THE RIDING POSITIONS' 
_refine.pdbx_starting_model                      'PDB ENTRY 1P1Y' 
_refine.pdbx_method_to_determine_struct          'MOLECULAR REPLACEMENT' 
_refine.pdbx_isotropic_thermal_model             ? 
_refine.pdbx_stereochemistry_target_values       'MAXIMUM LIKELIHOOD' 
_refine.pdbx_stereochem_target_val_spec_case     ? 
_refine.pdbx_R_Free_selection_details            RANDOM 
_refine.pdbx_overall_ESU_R                       0.178 
_refine.pdbx_overall_ESU_R_Free                  0.164 
_refine.overall_SU_ML                            0.207 
_refine.pdbx_overall_phase_error                 ? 
_refine.overall_SU_B                             18.584 
_refine.overall_SU_R_Cruickshank_DPI             ? 
_refine.ls_redundancy_reflns_obs                 ? 
_refine.B_iso_min                                ? 
_refine.B_iso_max                                ? 
_refine.overall_SU_R_free                        ? 
_refine.ls_wR_factor_R_free                      ? 
_refine.ls_wR_factor_R_work                      ? 
_refine.overall_FOM_free_R_set                   ? 
_refine.overall_FOM_work_R_set                   ? 
_refine.pdbx_diffrn_id                           1 
_refine.pdbx_refine_id                           'X-RAY DIFFRACTION' 
_refine.pdbx_TLS_residual_ADP_flag               ? 
_refine.pdbx_overall_SU_R_free_Cruickshank_DPI   ? 
_refine.pdbx_overall_SU_R_Blow_DPI               ? 
_refine.pdbx_overall_SU_R_free_Blow_DPI          ? 
# 
_refine_hist.pdbx_refine_id                   'X-RAY DIFFRACTION' 
_refine_hist.cycle_id                         LAST 
_refine_hist.pdbx_number_atoms_protein        0 
_refine_hist.pdbx_number_atoms_nucleic_acid   254 
_refine_hist.pdbx_number_atoms_ligand         1 
_refine_hist.number_atoms_solvent             8 
_refine_hist.number_atoms_total               263 
_refine_hist.d_res_high                       2.04 
_refine_hist.d_res_low                        34.99 
# 
loop_
_refine_ls_restr.type 
_refine_ls_restr.dev_ideal 
_refine_ls_restr.dev_ideal_target 
_refine_ls_restr.weight 
_refine_ls_restr.number 
_refine_ls_restr.pdbx_restraint_function 
_refine_ls_restr.pdbx_refine_id 
r_bond_refined_d       0.006 0.011  ? 286 ? 'X-RAY DIFFRACTION' 
r_bond_other_d         0.002 0.020  ? 135 ? 'X-RAY DIFFRACTION' 
r_angle_refined_deg    1.056 1.155  ? 442 ? 'X-RAY DIFFRACTION' 
r_angle_other_deg      1.608 3.000  ? 319 ? 'X-RAY DIFFRACTION' 
r_chiral_restr         0.064 0.200  ? 36  ? 'X-RAY DIFFRACTION' 
r_gen_planes_refined   0.009 0.020  ? 151 ? 'X-RAY DIFFRACTION' 
r_gen_planes_other     0.001 0.020  ? 62  ? 'X-RAY DIFFRACTION' 
r_scbond_it            6.395 3.834  ? 286 ? 'X-RAY DIFFRACTION' 
r_scbond_other         6.304 3.799  ? 284 ? 'X-RAY DIFFRACTION' 
r_scangle_other        8.563 5.735  ? 440 ? 'X-RAY DIFFRACTION' 
r_long_range_B_refined 9.603 35.131 ? 413 ? 'X-RAY DIFFRACTION' 
r_long_range_B_other   9.501 34.994 ? 412 ? 'X-RAY DIFFRACTION' 
# 
_refine_ls_shell.pdbx_total_number_of_bins_used   20 
_refine_ls_shell.d_res_high                       2.041 
_refine_ls_shell.d_res_low                        2.094 
_refine_ls_shell.number_reflns_R_work             227 
_refine_ls_shell.R_factor_R_work                  0.510 
_refine_ls_shell.percent_reflns_obs               95.93 
_refine_ls_shell.R_factor_R_free                  0.626 
_refine_ls_shell.R_factor_R_free_error            ? 
_refine_ls_shell.percent_reflns_R_free            ? 
_refine_ls_shell.number_reflns_R_free             9 
_refine_ls_shell.number_reflns_all                ? 
_refine_ls_shell.R_factor_all                     ? 
_refine_ls_shell.number_reflns_obs                ? 
_refine_ls_shell.redundancy_reflns_obs            ? 
_refine_ls_shell.pdbx_refine_id                   'X-RAY DIFFRACTION' 
# 
_struct.entry_id                  4RO4 
_struct.title                     'Sequence and structure of a self-assembled 3-D DNA crystal: D(GGAAACGTTGGAG)' 
_struct.pdbx_model_details        ? 
_struct.pdbx_CASP_flag            ? 
_struct.pdbx_model_type_details   ? 
# 
_struct_keywords.entry_id        4RO4 
_struct_keywords.pdbx_keywords   DNA 
_struct_keywords.text            'DNA, Self-assembling 3D DNA crystal' 
# 
loop_
_struct_asym.id 
_struct_asym.pdbx_blank_PDB_chainid_flag 
_struct_asym.pdbx_modified 
_struct_asym.entity_id 
_struct_asym.details 
A N N 1 ? 
B N N 2 ? 
C N N 3 ? 
# 
_struct_biol.id        1 
_struct_biol.details   'Synthetic DNA molecule that self-assembles into 3D DNA crystals.' 
# 
loop_
_struct_conn.id 
_struct_conn.conn_type_id 
_struct_conn.pdbx_leaving_atom_flag 
_struct_conn.pdbx_PDB_id 
_struct_conn.ptnr1_label_asym_id 
_struct_conn.ptnr1_label_comp_id 
_struct_conn.ptnr1_label_seq_id 
_struct_conn.ptnr1_label_atom_id 
_struct_conn.pdbx_ptnr1_label_alt_id 
_struct_conn.pdbx_ptnr1_PDB_ins_code 
_struct_conn.pdbx_ptnr1_standard_comp_id 
_struct_conn.ptnr1_symmetry 
_struct_conn.ptnr2_label_asym_id 
_struct_conn.ptnr2_label_comp_id 
_struct_conn.ptnr2_label_seq_id 
_struct_conn.ptnr2_label_atom_id 
_struct_conn.pdbx_ptnr2_label_alt_id 
_struct_conn.pdbx_ptnr2_PDB_ins_code 
_struct_conn.ptnr1_auth_asym_id 
_struct_conn.ptnr1_auth_comp_id 
_struct_conn.ptnr1_auth_seq_id 
_struct_conn.ptnr2_auth_asym_id 
_struct_conn.ptnr2_auth_comp_id 
_struct_conn.ptnr2_auth_seq_id 
_struct_conn.ptnr2_symmetry 
_struct_conn.pdbx_ptnr3_label_atom_id 
_struct_conn.pdbx_ptnr3_label_seq_id 
_struct_conn.pdbx_ptnr3_label_comp_id 
_struct_conn.pdbx_ptnr3_label_asym_id 
_struct_conn.pdbx_ptnr3_label_alt_id 
_struct_conn.pdbx_ptnr3_PDB_ins_code 
_struct_conn.details 
_struct_conn.pdbx_dist_value 
_struct_conn.pdbx_value_order 
_struct_conn.pdbx_role 
metalc1 metalc ? ? B MG . MG ? ? ? 1_555 C HOH .  O  ? ? A MG 101 A HOH 206 1_555 ? ? ? ? ? ? ?           2.256 ? ? 
metalc2 metalc ? ? B MG . MG ? ? ? 1_555 C HOH .  O  ? ? A MG 101 A HOH 207 1_555 ? ? ? ? ? ? ?           2.198 ? ? 
hydrog1 hydrog ? ? A DG 1 N7 ? ? ? 1_555 A DG  10 N1 ? ? A DG 1   A DG  10  5_555 ? ? ? ? ? ? TYPE_7_PAIR ?     ? ? 
hydrog2 hydrog ? ? A DG 1 O6 ? ? ? 1_555 A DG  10 N2 ? ? A DG 1   A DG  10  5_555 ? ? ? ? ? ? TYPE_7_PAIR ?     ? ? 
hydrog3 hydrog ? ? A DG 2 N2 ? ? ? 1_555 A DG  11 N3 ? ? A DG 2   A DG  11  5_555 ? ? ? ? ? ? TYPE_4_PAIR ?     ? ? 
hydrog4 hydrog ? ? A DG 2 N3 ? ? ? 1_555 A DG  11 N2 ? ? A DG 2   A DG  11  5_555 ? ? ? ? ? ? TYPE_4_PAIR ?     ? ? 
hydrog5 hydrog ? ? A DA 3 N6 ? ? ? 1_555 A DA  12 N7 ? ? A DA 3   A DA  12  5_555 ? ? ? ? ? ? TYPE_2_PAIR ?     ? ? 
hydrog6 hydrog ? ? A DA 3 N7 ? ? ? 1_555 A DA  12 N6 ? ? A DA 3   A DA  12  5_555 ? ? ? ? ? ? TYPE_2_PAIR ?     ? ? 
# 
loop_
_struct_conn_type.id 
_struct_conn_type.criteria 
_struct_conn_type.reference 
metalc ? ? 
hydrog ? ? 
# 
_struct_site.id                   AC1 
_struct_site.pdbx_evidence_code   Software 
_struct_site.pdbx_auth_asym_id    A 
_struct_site.pdbx_auth_comp_id    MG 
_struct_site.pdbx_auth_seq_id     101 
_struct_site.pdbx_auth_ins_code   ? 
_struct_site.pdbx_num_residues    4 
_struct_site.details              'BINDING SITE FOR RESIDUE MG A 101' 
# 
loop_
_struct_site_gen.id 
_struct_site_gen.site_id 
_struct_site_gen.pdbx_num_res 
_struct_site_gen.label_comp_id 
_struct_site_gen.label_asym_id 
_struct_site_gen.label_seq_id 
_struct_site_gen.pdbx_auth_ins_code 
_struct_site_gen.auth_comp_id 
_struct_site_gen.auth_asym_id 
_struct_site_gen.auth_seq_id 
_struct_site_gen.label_atom_id 
_struct_site_gen.label_alt_id 
_struct_site_gen.symmetry 
_struct_site_gen.details 
1 AC1 4 DA  A 3  ? DA  A 3   . ? 1_555 ? 
2 AC1 4 DA  A 12 ? DA  A 12  . ? 2_545 ? 
3 AC1 4 HOH C .  ? HOH A 206 . ? 1_555 ? 
4 AC1 4 HOH C .  ? HOH A 207 . ? 1_555 ? 
# 
_atom_sites.entry_id                    4RO4 
_atom_sites.fract_transf_matrix[1][1]   -0.01272007 
_atom_sites.fract_transf_matrix[1][2]   0.00987289 
_atom_sites.fract_transf_matrix[1][3]   0.02361503 
_atom_sites.fract_transf_matrix[2][1]   0.01427646 
_atom_sites.fract_transf_matrix[2][2]   0.01722974 
_atom_sites.fract_transf_matrix[2][3]   0.01778341 
_atom_sites.fract_transf_matrix[3][1]   -0.00598497 
_atom_sites.fract_transf_matrix[3][2]   0.01457631 
_atom_sites.fract_transf_matrix[3][3]   -0.00931778 
_atom_sites.fract_transf_vector[1]      0.064993 
_atom_sites.fract_transf_vector[2]      -0.421007 
_atom_sites.fract_transf_vector[3]      -0.214412 
# 
loop_
_atom_type.symbol 
C  
MG 
N  
O  
P  
# 
loop_
_atom_site.group_PDB 
_atom_site.id 
_atom_site.type_symbol 
_atom_site.label_atom_id 
_atom_site.label_alt_id 
_atom_site.label_comp_id 
_atom_site.label_asym_id 
_atom_site.label_entity_id 
_atom_site.label_seq_id 
_atom_site.pdbx_PDB_ins_code 
_atom_site.Cartn_x 
_atom_site.Cartn_y 
_atom_site.Cartn_z 
_atom_site.occupancy 
_atom_site.B_iso_or_equiv 
_atom_site.pdbx_formal_charge 
_atom_site.auth_seq_id 
_atom_site.auth_comp_id 
_atom_site.auth_asym_id 
_atom_site.auth_atom_id 
_atom_site.pdbx_PDB_model_num 
ATOM   1   O  "O5'" . DG  A 1 1  ? -1.258  10.640  -20.969 1.00 101.98 ? 1   DG  A "O5'" 1 
ATOM   2   C  "C5'" . DG  A 1 1  ? -0.669  9.472   -21.572 1.00 96.47  ? 1   DG  A "C5'" 1 
ATOM   3   C  "C4'" . DG  A 1 1  ? -0.710  8.303   -20.613 1.00 84.89  ? 1   DG  A "C4'" 1 
ATOM   4   O  "O4'" . DG  A 1 1  ? 0.186   8.557   -19.503 1.00 76.77  ? 1   DG  A "O4'" 1 
ATOM   5   C  "C3'" . DG  A 1 1  ? -2.076  8.014   -19.988 1.00 77.03  ? 1   DG  A "C3'" 1 
ATOM   6   O  "O3'" . DG  A 1 1  ? -2.239  6.594   -19.859 1.00 88.44  ? 1   DG  A "O3'" 1 
ATOM   7   C  "C2'" . DG  A 1 1  ? -1.990  8.716   -18.645 1.00 70.80  ? 1   DG  A "C2'" 1 
ATOM   8   C  "C1'" . DG  A 1 1  ? -0.529  8.490   -18.278 1.00 69.79  ? 1   DG  A "C1'" 1 
ATOM   9   N  N9    . DG  A 1 1  ? 0.067   9.456   -17.363 1.00 64.37  ? 1   DG  A N9    1 
ATOM   10  C  C8    . DG  A 1 1  ? 0.800   9.176   -16.235 1.00 63.10  ? 1   DG  A C8    1 
ATOM   11  N  N7    . DG  A 1 1  ? 1.227   10.248  -15.622 1.00 61.95  ? 1   DG  A N7    1 
ATOM   12  C  C5    . DG  A 1 1  ? 0.770   11.299  -16.408 1.00 69.13  ? 1   DG  A C5    1 
ATOM   13  C  C6    . DG  A 1 1  ? 0.928   12.704  -16.252 1.00 63.84  ? 1   DG  A C6    1 
ATOM   14  O  O6    . DG  A 1 1  ? 1.524   13.320  -15.360 1.00 76.58  ? 1   DG  A O6    1 
ATOM   15  N  N1    . DG  A 1 1  ? 0.297   13.405  -17.272 1.00 77.66  ? 1   DG  A N1    1 
ATOM   16  C  C2    . DG  A 1 1  ? -0.400  12.835  -18.309 1.00 77.94  ? 1   DG  A C2    1 
ATOM   17  N  N2    . DG  A 1 1  ? -0.938  13.683  -19.197 1.00 85.83  ? 1   DG  A N2    1 
ATOM   18  N  N3    . DG  A 1 1  ? -0.557  11.529  -18.464 1.00 72.58  ? 1   DG  A N3    1 
ATOM   19  C  C4    . DG  A 1 1  ? 0.053   10.828  -17.486 1.00 67.29  ? 1   DG  A C4    1 
ATOM   20  P  P     . DG  A 1 2  ? -3.624  5.960   -19.341 1.00 95.16  ? 2   DG  A P     1 
ATOM   21  O  OP1   . DG  A 1 2  ? -3.725  4.571   -19.865 1.00 99.18  ? 2   DG  A OP1   1 
ATOM   22  O  OP2   . DG  A 1 2  ? -4.715  6.945   -19.590 1.00 94.05  ? 2   DG  A OP2   1 
ATOM   23  O  "O5'" . DG  A 1 2  ? -3.423  5.856   -17.761 1.00 86.11  ? 2   DG  A "O5'" 1 
ATOM   24  C  "C5'" . DG  A 1 2  ? -2.259  5.237   -17.161 1.00 71.52  ? 2   DG  A "C5'" 1 
ATOM   25  C  "C4'" . DG  A 1 2  ? -2.251  5.514   -15.675 1.00 63.67  ? 2   DG  A "C4'" 1 
ATOM   26  O  "O4'" . DG  A 1 2  ? -1.839  6.880   -15.423 1.00 61.18  ? 2   DG  A "O4'" 1 
ATOM   27  C  "C3'" . DG  A 1 2  ? -3.615  5.363   -14.989 1.00 62.26  ? 2   DG  A "C3'" 1 
ATOM   28  O  "O3'" . DG  A 1 2  ? -3.444  4.798   -13.688 1.00 63.91  ? 2   DG  A "O3'" 1 
ATOM   29  C  "C2'" . DG  A 1 2  ? -4.089  6.794   -14.838 1.00 61.17  ? 2   DG  A "C2'" 1 
ATOM   30  C  "C1'" . DG  A 1 2  ? -2.772  7.466   -14.528 1.00 55.72  ? 2   DG  A "C1'" 1 
ATOM   31  N  N9    . DG  A 1 2  ? -2.727  8.906   -14.718 1.00 57.00  ? 2   DG  A N9    1 
ATOM   32  C  C8    . DG  A 1 2  ? -3.423  9.667   -15.632 1.00 55.13  ? 2   DG  A C8    1 
ATOM   33  N  N7    . DG  A 1 2  ? -3.140  10.939  -15.555 1.00 57.54  ? 2   DG  A N7    1 
ATOM   34  C  C5    . DG  A 1 2  ? -2.202  11.021  -14.532 1.00 59.02  ? 2   DG  A C5    1 
ATOM   35  C  C6    . DG  A 1 2  ? -1.524  12.145  -13.996 1.00 62.72  ? 2   DG  A C6    1 
ATOM   36  O  O6    . DG  A 1 2  ? -1.618  13.329  -14.328 1.00 61.66  ? 2   DG  A O6    1 
ATOM   37  N  N1    . DG  A 1 2  ? -0.647  11.779  -12.979 1.00 50.37  ? 2   DG  A N1    1 
ATOM   38  C  C2    . DG  A 1 2  ? -0.474  10.501  -12.510 1.00 56.49  ? 2   DG  A C2    1 
ATOM   39  N  N2    . DG  A 1 2  ? 0.409   10.357  -11.515 1.00 50.88  ? 2   DG  A N2    1 
ATOM   40  N  N3    . DG  A 1 2  ? -1.100  9.441   -12.999 1.00 49.66  ? 2   DG  A N3    1 
ATOM   41  C  C4    . DG  A 1 2  ? -1.940  9.775   -14.006 1.00 52.49  ? 2   DG  A C4    1 
ATOM   42  P  P     . DA  A 1 3  ? -4.254  3.486   -13.277 1.00 63.10  ? 3   DA  A P     1 
ATOM   43  O  OP1   . DA  A 1 3  ? -4.256  2.568   -14.437 1.00 62.55  ? 3   DA  A OP1   1 
ATOM   44  O  OP2   . DA  A 1 3  ? -5.563  3.922   -12.671 1.00 75.82  ? 3   DA  A OP2   1 
ATOM   45  O  "O5'" . DA  A 1 3  ? -3.314  2.858   -12.163 1.00 73.64  ? 3   DA  A "O5'" 1 
ATOM   46  C  "C5'" . DA  A 1 3  ? -1.919  2.611   -12.401 1.00 70.43  ? 3   DA  A "C5'" 1 
ATOM   47  C  "C4'" . DA  A 1 3  ? -1.279  2.121   -11.124 1.00 61.98  ? 3   DA  A "C4'" 1 
ATOM   48  O  "O4'" . DA  A 1 3  ? -0.899  3.254   -10.310 1.00 58.41  ? 3   DA  A "O4'" 1 
ATOM   49  C  "C3'" . DA  A 1 3  ? -2.191  1.286   -10.232 1.00 66.61  ? 3   DA  A "C3'" 1 
ATOM   50  O  "O3'" . DA  A 1 3  ? -1.395  0.406   -9.410  1.00 77.45  ? 3   DA  A "O3'" 1 
ATOM   51  C  "C2'" . DA  A 1 3  ? -2.888  2.358   -9.402  1.00 59.82  ? 3   DA  A "C2'" 1 
ATOM   52  C  "C1'" . DA  A 1 3  ? -1.777  3.384   -9.191  1.00 53.68  ? 3   DA  A "C1'" 1 
ATOM   53  N  N9    . DA  A 1 3  ? -2.160  4.795   -9.094  1.00 52.68  ? 3   DA  A N9    1 
ATOM   54  C  C8    . DA  A 1 3  ? -2.703  5.588   -10.078 1.00 55.38  ? 3   DA  A C8    1 
ATOM   55  N  N7    . DA  A 1 3  ? -2.898  6.833   -9.707  1.00 53.92  ? 3   DA  A N7    1 
ATOM   56  C  C5    . DA  A 1 3  ? -2.435  6.868   -8.398  1.00 51.04  ? 3   DA  A C5    1 
ATOM   57  C  C6    . DA  A 1 3  ? -2.333  7.911   -7.454  1.00 53.93  ? 3   DA  A C6    1 
ATOM   58  N  N6    . DA  A 1 3  ? -2.728  9.166   -7.686  1.00 58.42  ? 3   DA  A N6    1 
ATOM   59  N  N1    . DA  A 1 3  ? -1.832  7.607   -6.234  1.00 56.22  ? 3   DA  A N1    1 
ATOM   60  C  C2    . DA  A 1 3  ? -1.424  6.351   -6.004  1.00 55.14  ? 3   DA  A C2    1 
ATOM   61  N  N3    . DA  A 1 3  ? -1.457  5.290   -6.813  1.00 44.94  ? 3   DA  A N3    1 
ATOM   62  C  C4    . DA  A 1 3  ? -1.964  5.622   -8.012  1.00 56.59  ? 3   DA  A C4    1 
ATOM   63  P  P     . DA  A 1 4  ? -1.042  -1.134  -9.845  1.00 74.91  ? 4   DA  A P     1 
ATOM   64  O  OP1   . DA  A 1 4  ? -0.095  -1.672  -8.828  1.00 89.85  ? 4   DA  A OP1   1 
ATOM   65  O  OP2   . DA  A 1 4  ? -0.659  -1.158  -11.285 1.00 71.35  ? 4   DA  A OP2   1 
ATOM   66  O  "O5'" . DA  A 1 4  ? -2.420  -1.913  -9.628  1.00 70.93  ? 4   DA  A "O5'" 1 
ATOM   67  C  "C5'" . DA  A 1 4  ? -3.228  -2.298  -10.762 1.00 76.48  ? 4   DA  A "C5'" 1 
ATOM   68  C  "C4'" . DA  A 1 4  ? -4.226  -3.365  -10.379 1.00 78.53  ? 4   DA  A "C4'" 1 
ATOM   69  O  "O4'" . DA  A 1 4  ? -3.635  -4.669  -10.585 1.00 78.81  ? 4   DA  A "O4'" 1 
ATOM   70  C  "C3'" . DA  A 1 4  ? -4.692  -3.329  -8.922  1.00 79.98  ? 4   DA  A "C3'" 1 
ATOM   71  O  "O3'" . DA  A 1 4  ? -6.090  -3.611  -8.758  1.00 90.52  ? 4   DA  A "O3'" 1 
ATOM   72  C  "C2'" . DA  A 1 4  ? -3.851  -4.391  -8.243  1.00 78.69  ? 4   DA  A "C2'" 1 
ATOM   73  C  "C1'" . DA  A 1 4  ? -3.424  -5.331  -9.354  1.00 75.71  ? 4   DA  A "C1'" 1 
ATOM   74  N  N9    . DA  A 1 4  ? -2.009  -5.657  -9.262  1.00 71.98  ? 4   DA  A N9    1 
ATOM   75  C  C8    . DA  A 1 4  ? -0.923  -4.965  -9.740  1.00 71.13  ? 4   DA  A C8    1 
ATOM   76  N  N7    . DA  A 1 4  ? 0.226   -5.523  -9.450  1.00 70.41  ? 4   DA  A N7    1 
ATOM   77  C  C5    . DA  A 1 4  ? -0.128  -6.645  -8.713  1.00 73.16  ? 4   DA  A C5    1 
ATOM   78  C  C6    . DA  A 1 4  ? 0.632   -7.677  -8.140  1.00 78.73  ? 4   DA  A C6    1 
ATOM   79  N  N6    . DA  A 1 4  ? 1.965   -7.729  -8.186  1.00 81.46  ? 4   DA  A N6    1 
ATOM   80  N  N1    . DA  A 1 4  ? -0.030  -8.651  -7.477  1.00 77.72  ? 4   DA  A N1    1 
ATOM   81  C  C2    . DA  A 1 4  ? -1.369  -8.605  -7.440  1.00 75.45  ? 4   DA  A C2    1 
ATOM   82  N  N3    . DA  A 1 4  ? -2.192  -7.699  -7.955  1.00 69.91  ? 4   DA  A N3    1 
ATOM   83  C  C4    . DA  A 1 4  ? -1.500  -6.731  -8.579  1.00 71.31  ? 4   DA  A C4    1 
ATOM   84  P  P     . DA  A 1 5  ? -6.866  -3.148  -7.409  1.00 93.60  ? 5   DA  A P     1 
ATOM   85  O  OP1   . DA  A 1 5  ? -8.270  -2.820  -7.784  1.00 107.30 ? 5   DA  A OP1   1 
ATOM   86  O  OP2   . DA  A 1 5  ? -6.035  -2.145  -6.678  1.00 89.37  ? 5   DA  A OP2   1 
ATOM   87  O  "O5'" . DA  A 1 5  ? -6.786  -4.444  -6.489  1.00 88.80  ? 5   DA  A "O5'" 1 
ATOM   88  C  "C5'" . DA  A 1 5  ? -7.152  -5.746  -6.982  1.00 93.12  ? 5   DA  A "C5'" 1 
ATOM   89  C  "C4'" . DA  A 1 5  ? -7.139  -6.738  -5.842  1.00 94.05  ? 5   DA  A "C4'" 1 
ATOM   90  O  "O4'" . DA  A 1 5  ? -5.788  -7.206  -5.625  1.00 91.89  ? 5   DA  A "O4'" 1 
ATOM   91  C  "C3'" . DA  A 1 5  ? -7.600  -6.171  -4.500  1.00 94.90  ? 5   DA  A "C3'" 1 
ATOM   92  O  "O3'" . DA  A 1 5  ? -8.343  -7.199  -3.824  1.00 105.37 ? 5   DA  A "O3'" 1 
ATOM   93  C  "C2'" . DA  A 1 5  ? -6.297  -5.712  -3.854  1.00 91.00  ? 5   DA  A "C2'" 1 
ATOM   94  C  "C1'" . DA  A 1 5  ? -5.268  -6.712  -4.389  1.00 91.26  ? 5   DA  A "C1'" 1 
ATOM   95  N  N9    . DA  A 1 5  ? -3.900  -6.232  -4.637  1.00 78.82  ? 5   DA  A N9    1 
ATOM   96  C  C8    . DA  A 1 5  ? -3.488  -5.049  -5.198  1.00 72.80  ? 5   DA  A C8    1 
ATOM   97  N  N7    . DA  A 1 5  ? -2.186  -4.951  -5.328  1.00 69.46  ? 5   DA  A N7    1 
ATOM   98  C  C5    . DA  A 1 5  ? -1.709  -6.157  -4.832  1.00 75.44  ? 5   DA  A C5    1 
ATOM   99  C  C6    . DA  A 1 5  ? -0.409  -6.676  -4.686  1.00 70.30  ? 5   DA  A C6    1 
ATOM   100 N  N6    . DA  A 1 5  ? 0.699   -6.024  -5.049  1.00 73.81  ? 5   DA  A N6    1 
ATOM   101 N  N1    . DA  A 1 5  ? -0.281  -7.900  -4.135  1.00 79.46  ? 5   DA  A N1    1 
ATOM   102 C  C2    . DA  A 1 5  ? -1.388  -8.561  -3.775  1.00 85.10  ? 5   DA  A C2    1 
ATOM   103 N  N3    . DA  A 1 5  ? -2.661  -8.182  -3.865  1.00 83.03  ? 5   DA  A N3    1 
ATOM   104 C  C4    . DA  A 1 5  ? -2.754  -6.955  -4.403  1.00 75.86  ? 5   DA  A C4    1 
ATOM   105 P  P     . DC  A 1 6  ? -9.116  -6.904  -2.435  1.00 114.00 ? 6   DC  A P     1 
ATOM   106 O  OP1   . DC  A 1 6  ? -10.303 -7.812  -2.370  1.00 112.53 ? 6   DC  A OP1   1 
ATOM   107 O  OP2   . DC  A 1 6  ? -9.298  -5.430  -2.302  1.00 104.16 ? 6   DC  A OP2   1 
ATOM   108 O  "O5'" . DC  A 1 6  ? -8.048  -7.349  -1.340  1.00 90.02  ? 6   DC  A "O5'" 1 
ATOM   109 C  "C5'" . DC  A 1 6  ? -7.371  -8.612  -1.456  1.00 95.56  ? 6   DC  A "C5'" 1 
ATOM   110 C  "C4'" . DC  A 1 6  ? -6.187  -8.657  -0.522  1.00 96.03  ? 6   DC  A "C4'" 1 
ATOM   111 O  "O4'" . DC  A 1 6  ? -5.041  -8.028  -1.144  1.00 87.03  ? 6   DC  A "O4'" 1 
ATOM   112 C  "C3'" . DC  A 1 6  ? -6.386  -7.943  0.821   1.00 99.83  ? 6   DC  A "C3'" 1 
ATOM   113 O  "O3'" . DC  A 1 6  ? -5.970  -8.813  1.875   1.00 122.51 ? 6   DC  A "O3'" 1 
ATOM   114 C  "C2'" . DC  A 1 6  ? -5.461  -6.744  0.729   1.00 93.53  ? 6   DC  A "C2'" 1 
ATOM   115 C  "C1'" . DC  A 1 6  ? -4.355  -7.308  -0.141  1.00 86.42  ? 6   DC  A "C1'" 1 
ATOM   116 N  N1    . DC  A 1 6  ? -3.465  -6.333  -0.794  1.00 74.70  ? 6   DC  A N1    1 
ATOM   117 C  C2    . DC  A 1 6  ? -2.089  -6.586  -0.814  1.00 74.49  ? 6   DC  A C2    1 
ATOM   118 O  O2    . DC  A 1 6  ? -1.665  -7.634  -0.303  1.00 69.81  ? 6   DC  A O2    1 
ATOM   119 N  N3    . DC  A 1 6  ? -1.257  -5.687  -1.391  1.00 69.03  ? 6   DC  A N3    1 
ATOM   120 C  C4    . DC  A 1 6  ? -1.753  -4.573  -1.932  1.00 74.72  ? 6   DC  A C4    1 
ATOM   121 N  N4    . DC  A 1 6  ? -0.898  -3.716  -2.501  1.00 71.31  ? 6   DC  A N4    1 
ATOM   122 C  C5    . DC  A 1 6  ? -3.151  -4.289  -1.927  1.00 75.79  ? 6   DC  A C5    1 
ATOM   123 C  C6    . DC  A 1 6  ? -3.964  -5.188  -1.353  1.00 74.59  ? 6   DC  A C6    1 
ATOM   124 P  P     . DG  A 1 7  ? -6.591  -8.680  3.350   1.00 126.08 ? 7   DG  A P     1 
ATOM   125 O  OP1   . DG  A 1 7  ? -7.874  -9.437  3.376   1.00 127.39 ? 7   DG  A OP1   1 
ATOM   126 O  OP2   . DG  A 1 7  ? -6.572  -7.240  3.737   1.00 131.49 ? 7   DG  A OP2   1 
ATOM   127 O  "O5'" . DG  A 1 7  ? -5.516  -9.438  4.248   1.00 119.83 ? 7   DG  A "O5'" 1 
ATOM   128 C  "C5'" . DG  A 1 7  ? -4.548  -10.342 3.665   1.00 113.83 ? 7   DG  A "C5'" 1 
ATOM   129 C  "C4'" . DG  A 1 7  ? -3.212  -10.213 4.360   1.00 108.46 ? 7   DG  A "C4'" 1 
ATOM   130 O  "O4'" . DG  A 1 7  ? -2.371  -9.264  3.662   1.00 90.35  ? 7   DG  A "O4'" 1 
ATOM   131 C  "C3'" . DG  A 1 7  ? -3.272  -9.729  5.808   1.00 107.92 ? 7   DG  A "C3'" 1 
ATOM   132 O  "O3'" . DG  A 1 7  ? -2.296  -10.468 6.549   1.00 112.72 ? 7   DG  A "O3'" 1 
ATOM   133 C  "C2'" . DG  A 1 7  ? -3.007  -8.238  5.685   1.00 96.17  ? 7   DG  A "C2'" 1 
ATOM   134 C  "C1'" . DG  A 1 7  ? -2.055  -8.165  4.505   1.00 88.16  ? 7   DG  A "C1'" 1 
ATOM   135 N  N9    . DG  A 1 7  ? -2.144  -6.950  3.700   1.00 72.36  ? 7   DG  A N9    1 
ATOM   136 C  C8    . DG  A 1 7  ? -3.273  -6.233  3.377   1.00 74.10  ? 7   DG  A C8    1 
ATOM   137 N  N7    . DG  A 1 7  ? -3.026  -5.207  2.608   1.00 65.51  ? 7   DG  A N7    1 
ATOM   138 C  C5    . DG  A 1 7  ? -1.653  -5.259  2.398   1.00 67.25  ? 7   DG  A C5    1 
ATOM   139 C  C6    . DG  A 1 7  ? -0.805  -4.406  1.647   1.00 64.65  ? 7   DG  A C6    1 
ATOM   140 O  O6    . DG  A 1 7  ? -1.107  -3.401  0.992   1.00 62.43  ? 7   DG  A O6    1 
ATOM   141 N  N1    . DG  A 1 7  ? 0.524   -4.818  1.712   1.00 62.94  ? 7   DG  A N1    1 
ATOM   142 C  C2    . DG  A 1 7  ? 0.978   -5.911  2.413   1.00 71.17  ? 7   DG  A C2    1 
ATOM   143 N  N2    . DG  A 1 7  ? 2.298   -6.151  2.359   1.00 77.62  ? 7   DG  A N2    1 
ATOM   144 N  N3    . DG  A 1 7  ? 0.198   -6.711  3.118   1.00 69.95  ? 7   DG  A N3    1 
ATOM   145 C  C4    . DG  A 1 7  ? -1.097  -6.331  3.065   1.00 69.97  ? 7   DG  A C4    1 
ATOM   146 P  P     . DT  A 1 8  ? -1.934  -10.084 8.061   1.00 109.23 ? 8   DT  A P     1 
ATOM   147 O  OP1   . DT  A 1 8  ? -1.774  -11.350 8.826   1.00 118.68 ? 8   DT  A OP1   1 
ATOM   148 O  OP2   . DT  A 1 8  ? -2.887  -9.038  8.534   1.00 95.71  ? 8   DT  A OP2   1 
ATOM   149 O  "O5'" . DT  A 1 8  ? -0.476  -9.471  7.913   1.00 112.59 ? 8   DT  A "O5'" 1 
ATOM   150 C  "C5'" . DT  A 1 8  ? 0.479   -10.072 7.016   1.00 121.55 ? 8   DT  A "C5'" 1 
ATOM   151 C  "C4'" . DT  A 1 8  ? 1.769   -9.290  7.055   1.00 115.49 ? 8   DT  A "C4'" 1 
ATOM   152 O  "O4'" . DT  A 1 8  ? 1.643   -8.107  6.227   1.00 105.57 ? 8   DT  A "O4'" 1 
ATOM   153 C  "C3'" . DT  A 1 8  ? 2.144   -8.797  8.451   1.00 103.97 ? 8   DT  A "C3'" 1 
ATOM   154 O  "O3'" . DT  A 1 8  ? 3.533   -9.041  8.679   1.00 113.42 ? 8   DT  A "O3'" 1 
ATOM   155 C  "C2'" . DT  A 1 8  ? 1.723   -7.335  8.446   1.00 93.90  ? 8   DT  A "C2'" 1 
ATOM   156 C  "C1'" . DT  A 1 8  ? 1.890   -6.935  6.990   1.00 88.39  ? 8   DT  A "C1'" 1 
ATOM   157 N  N1    . DT  A 1 8  ? 0.980   -5.875  6.496   1.00 75.04  ? 8   DT  A N1    1 
ATOM   158 C  C2    . DT  A 1 8  ? 1.515   -4.918  5.666   1.00 70.35  ? 8   DT  A C2    1 
ATOM   159 O  O2    . DT  A 1 8  ? 2.693   -4.902  5.341   1.00 76.42  ? 8   DT  A O2    1 
ATOM   160 N  N3    . DT  A 1 8  ? 0.620   -3.968  5.234   1.00 65.36  ? 8   DT  A N3    1 
ATOM   161 C  C4    . DT  A 1 8  ? -0.731  -3.894  5.532   1.00 67.45  ? 8   DT  A C4    1 
ATOM   162 O  O4    . DT  A 1 8  ? -1.415  -2.982  5.063   1.00 71.54  ? 8   DT  A O4    1 
ATOM   163 C  C5    . DT  A 1 8  ? -1.225  -4.934  6.409   1.00 67.40  ? 8   DT  A C5    1 
ATOM   164 C  C7    . DT  A 1 8  ? -2.671  -4.933  6.794   1.00 71.89  ? 8   DT  A C7    1 
ATOM   165 C  C6    . DT  A 1 8  ? -0.358  -5.861  6.837   1.00 71.51  ? 8   DT  A C6    1 
ATOM   166 P  P     . DT  A 1 9  ? 4.186   -8.637  10.076  1.00 119.55 ? 9   DT  A P     1 
ATOM   167 O  OP1   . DT  A 1 9  ? 5.220   -9.646  10.426  1.00 103.50 ? 9   DT  A OP1   1 
ATOM   168 O  OP2   . DT  A 1 9  ? 3.086   -8.353  11.040  1.00 114.01 ? 9   DT  A OP2   1 
ATOM   169 O  "O5'" . DT  A 1 9  ? 4.902   -7.265  9.712   1.00 100.38 ? 9   DT  A "O5'" 1 
ATOM   170 C  "C5'" . DT  A 1 9  ? 5.687   -7.118  8.517   1.00 88.72  ? 9   DT  A "C5'" 1 
ATOM   171 C  "C4'" . DT  A 1 9  ? 6.107   -5.674  8.388   1.00 85.24  ? 9   DT  A "C4'" 1 
ATOM   172 O  "O4'" . DT  A 1 9  ? 5.020   -4.932  7.802   1.00 87.92  ? 9   DT  A "O4'" 1 
ATOM   173 C  "C3'" . DT  A 1 9  ? 6.427   -4.987  9.719   1.00 79.42  ? 9   DT  A "C3'" 1 
ATOM   174 O  "O3'" . DT  A 1 9  ? 7.856   -4.933  9.878   1.00 86.41  ? 9   DT  A "O3'" 1 
ATOM   175 C  "C2'" . DT  A 1 9  ? 5.732   -3.630  9.636   1.00 81.17  ? 9   DT  A "C2'" 1 
ATOM   176 C  "C1'" . DT  A 1 9  ? 5.029   -3.595  8.280   1.00 74.74  ? 9   DT  A "C1'" 1 
ATOM   177 N  N1    . DT  A 1 9  ? 3.624   -3.124  8.301   1.00 61.21  ? 9   DT  A N1    1 
ATOM   178 C  C2    . DT  A 1 9  ? 3.250   -2.086  7.472   1.00 59.56  ? 9   DT  A C2    1 
ATOM   179 O  O2    . DT  A 1 9  ? 4.039   -1.480  6.764   1.00 62.07  ? 9   DT  A O2    1 
ATOM   180 N  N3    . DT  A 1 9  ? 1.917   -1.753  7.540   1.00 51.89  ? 9   DT  A N3    1 
ATOM   181 C  C4    . DT  A 1 9  ? 0.942   -2.353  8.316   1.00 59.83  ? 9   DT  A C4    1 
ATOM   182 O  O4    . DT  A 1 9  ? -0.217  -1.941  8.269   1.00 57.12  ? 9   DT  A O4    1 
ATOM   183 C  C5    . DT  A 1 9  ? 1.405   -3.447  9.148   1.00 59.41  ? 9   DT  A C5    1 
ATOM   184 C  C7    . DT  A 1 9  ? 0.422   -4.164  10.021  1.00 60.66  ? 9   DT  A C7    1 
ATOM   185 C  C6    . DT  A 1 9  ? 2.701   -3.775  9.092   1.00 61.43  ? 9   DT  A C6    1 
ATOM   186 P  P     . DG  A 1 10 ? 8.535   -4.587  11.309  1.00 93.63  ? 10  DG  A P     1 
ATOM   187 O  OP1   . DG  A 1 10 ? 9.936   -5.091  11.305  1.00 99.45  ? 10  DG  A OP1   1 
ATOM   188 O  OP2   . DG  A 1 10 ? 7.597   -4.975  12.403  1.00 97.07  ? 10  DG  A OP2   1 
ATOM   189 O  "O5'" . DG  A 1 10 ? 8.685   -3.005  11.259  1.00 98.46  ? 10  DG  A "O5'" 1 
ATOM   190 C  "C5'" . DG  A 1 10 ? 9.591   -2.384  10.329  1.00 85.51  ? 10  DG  A "C5'" 1 
ATOM   191 C  "C4'" . DG  A 1 10 ? 9.219   -0.929  10.184  1.00 84.16  ? 10  DG  A "C4'" 1 
ATOM   192 O  "O4'" . DG  A 1 10 ? 7.799   -0.844  9.919   1.00 73.48  ? 10  DG  A "O4'" 1 
ATOM   193 C  "C3'" . DG  A 1 10 ? 9.461   -0.095  11.447  1.00 78.99  ? 10  DG  A "C3'" 1 
ATOM   194 O  "O3'" . DG  A 1 10 ? 9.962   1.206   11.107  1.00 82.01  ? 10  DG  A "O3'" 1 
ATOM   195 C  "C2'" . DG  A 1 10 ? 8.087   -0.048  12.089  1.00 67.50  ? 10  DG  A "C2'" 1 
ATOM   196 C  "C1'" . DG  A 1 10 ? 7.215   0.032   10.864  1.00 66.41  ? 10  DG  A "C1'" 1 
ATOM   197 N  N9    . DG  A 1 10 ? 5.819   -0.346  11.035  1.00 61.71  ? 10  DG  A N9    1 
ATOM   198 C  C8    . DG  A 1 10 ? 5.286   -1.328  11.838  1.00 51.68  ? 10  DG  A C8    1 
ATOM   199 N  N7    . DG  A 1 10 ? 3.984   -1.405  11.756  1.00 56.78  ? 10  DG  A N7    1 
ATOM   200 C  C5    . DG  A 1 10 ? 3.635   -0.394  10.866  1.00 54.22  ? 10  DG  A C5    1 
ATOM   201 C  C6    . DG  A 1 10 ? 2.358   0.020   10.386  1.00 52.76  ? 10  DG  A C6    1 
ATOM   202 O  O6    . DG  A 1 10 ? 1.240   -0.427  10.677  1.00 53.04  ? 10  DG  A O6    1 
ATOM   203 N  N1    . DG  A 1 10 ? 2.465   1.098   9.509   1.00 51.91  ? 10  DG  A N1    1 
ATOM   204 C  C2    . DG  A 1 10 ? 3.646   1.682   9.115   1.00 52.59  ? 10  DG  A C2    1 
ATOM   205 N  N2    . DG  A 1 10 ? 3.541   2.703   8.249   1.00 76.24  ? 10  DG  A N2    1 
ATOM   206 N  N3    . DG  A 1 10 ? 4.838   1.311   9.555   1.00 57.78  ? 10  DG  A N3    1 
ATOM   207 C  C4    . DG  A 1 10 ? 4.757   0.277   10.423  1.00 53.41  ? 10  DG  A C4    1 
ATOM   208 P  P     . DG  A 1 11 ? 10.479  2.224   12.252  1.00 93.53  ? 11  DG  A P     1 
ATOM   209 O  OP1   . DG  A 1 11 ? 11.618  3.004   11.700  1.00 94.64  ? 11  DG  A OP1   1 
ATOM   210 O  OP2   . DG  A 1 11 ? 10.663  1.461   13.526  1.00 99.60  ? 11  DG  A OP2   1 
ATOM   211 O  "O5'" . DG  A 1 11 ? 9.239   3.214   12.429  1.00 87.04  ? 11  DG  A "O5'" 1 
ATOM   212 C  "C5'" . DG  A 1 11 ? 8.478   3.734   11.314  1.00 70.69  ? 11  DG  A "C5'" 1 
ATOM   213 C  "C4'" . DG  A 1 11 ? 7.268   4.473   11.839  1.00 62.31  ? 11  DG  A "C4'" 1 
ATOM   214 O  "O4'" . DG  A 1 11 ? 6.293   3.518   12.317  1.00 57.48  ? 11  DG  A "O4'" 1 
ATOM   215 C  "C3'" . DG  A 1 11 ? 7.554   5.386   13.031  1.00 64.21  ? 11  DG  A "C3'" 1 
ATOM   216 O  "O3'" . DG  A 1 11 ? 6.619   6.470   13.065  1.00 62.96  ? 11  DG  A "O3'" 1 
ATOM   217 C  "C2'" . DG  A 1 11 ? 7.313   4.476   14.219  1.00 61.15  ? 11  DG  A "C2'" 1 
ATOM   218 C  "C1'" . DG  A 1 11 ? 6.144   3.644   13.726  1.00 56.58  ? 11  DG  A "C1'" 1 
ATOM   219 N  N9    . DG  A 1 11 ? 6.052   2.304   14.283  1.00 57.28  ? 11  DG  A N9    1 
ATOM   220 C  C8    . DG  A 1 11 ? 7.044   1.569   14.889  1.00 55.96  ? 11  DG  A C8    1 
ATOM   221 N  N7    . DG  A 1 11 ? 6.641   0.391   15.277  1.00 63.94  ? 11  DG  A N7    1 
ATOM   222 C  C5    . DG  A 1 11 ? 5.308   0.339   14.891  1.00 55.38  ? 11  DG  A C5    1 
ATOM   223 C  C6    . DG  A 1 11 ? 4.344   -0.690  15.057  1.00 66.55  ? 11  DG  A C6    1 
ATOM   224 O  O6    . DG  A 1 11 ? 4.486   -1.806  15.581  1.00 62.71  ? 11  DG  A O6    1 
ATOM   225 N  N1    . DG  A 1 11 ? 3.110   -0.322  14.528  1.00 57.95  ? 11  DG  A N1    1 
ATOM   226 C  C2    . DG  A 1 11 ? 2.835   0.881   13.923  1.00 59.27  ? 11  DG  A C2    1 
ATOM   227 N  N2    . DG  A 1 11 ? 1.582   1.051   13.485  1.00 57.39  ? 11  DG  A N2    1 
ATOM   228 N  N3    . DG  A 1 11 ? 3.724   1.849   13.766  1.00 53.48  ? 11  DG  A N3    1 
ATOM   229 C  C4    . DG  A 1 11 ? 4.929   1.515   14.281  1.00 61.21  ? 11  DG  A C4    1 
ATOM   230 P  P     . DA  A 1 12 ? 7.066   7.915   13.543  1.00 67.71  ? 12  DA  A P     1 
ATOM   231 O  OP1   . DA  A 1 12 ? 8.443   8.167   13.032  1.00 69.88  ? 12  DA  A OP1   1 
ATOM   232 O  OP2   . DA  A 1 12 ? 6.797   8.049   15.016  1.00 70.94  ? 12  DA  A OP2   1 
ATOM   233 O  "O5'" . DA  A 1 12 ? 6.038   8.830   12.744  1.00 71.80  ? 12  DA  A "O5'" 1 
ATOM   234 C  "C5'" . DA  A 1 12 ? 5.903   8.713   11.313  1.00 69.87  ? 12  DA  A "C5'" 1 
ATOM   235 C  "C4'" . DA  A 1 12 ? 4.476   8.982   10.899  1.00 64.23  ? 12  DA  A "C4'" 1 
ATOM   236 O  "O4'" . DA  A 1 12 ? 3.628   7.896   11.347  1.00 63.25  ? 12  DA  A "O4'" 1 
ATOM   237 C  "C3'" . DA  A 1 12 ? 3.878   10.259  11.491  1.00 68.40  ? 12  DA  A "C3'" 1 
ATOM   238 O  "O3'" . DA  A 1 12 ? 3.077   10.927  10.495  1.00 96.26  ? 12  DA  A "O3'" 1 
ATOM   239 C  "C2'" . DA  A 1 12 ? 3.053   9.746   12.663  1.00 66.70  ? 12  DA  A "C2'" 1 
ATOM   240 C  "C1'" . DA  A 1 12 ? 2.560   8.412   12.140  1.00 58.63  ? 12  DA  A "C1'" 1 
ATOM   241 N  N9    . DA  A 1 12 ? 2.192   7.389   13.127  1.00 55.73  ? 12  DA  A N9    1 
ATOM   242 C  C8    . DA  A 1 12 ? 2.998   6.450   13.725  1.00 51.46  ? 12  DA  A C8    1 
ATOM   243 N  N7    . DA  A 1 12 ? 2.352   5.627   14.518  1.00 54.47  ? 12  DA  A N7    1 
ATOM   244 C  C5    . DA  A 1 12 ? 1.035   6.059   14.446  1.00 54.65  ? 12  DA  A C5    1 
ATOM   245 C  C6    . DA  A 1 12 ? -0.148  5.594   15.047  1.00 60.09  ? 12  DA  A C6    1 
ATOM   246 N  N6    . DA  A 1 12 ? -0.192  4.572   15.906  1.00 65.45  ? 12  DA  A N6    1 
ATOM   247 N  N1    . DA  A 1 12 ? -1.296  6.257   14.772  1.00 62.24  ? 12  DA  A N1    1 
ATOM   248 C  C2    . DA  A 1 12 ? -1.255  7.276   13.906  1.00 58.11  ? 12  DA  A C2    1 
ATOM   249 N  N3    . DA  A 1 12 ? -0.210  7.782   13.249  1.00 51.86  ? 12  DA  A N3    1 
ATOM   250 C  C4    . DA  A 1 12 ? 0.919   7.133   13.579  1.00 54.80  ? 12  DA  A C4    1 
ATOM   251 P  P     . DG  A 1 13 ? 3.491   12.398  9.933   1.00 102.57 ? 13  DG  A P     1 
ATOM   252 O  OP1   . DG  A 1 13 ? 2.339   12.924  9.149   1.00 118.69 ? 13  DG  A OP1   1 
ATOM   253 O  OP2   . DG  A 1 13 ? 4.829   12.290  9.277   1.00 98.80  ? 13  DG  A OP2   1 
ATOM   254 O  "O5'" . DG  A 1 13 ? 3.657   13.260  11.266  1.00 95.82  ? 13  DG  A "O5'" 1 
HETATM 255 MG MG    . MG  B 2 .  ? -7.813  3.538   -15.149 1.00 91.44  ? 101 MG  A MG    1 
HETATM 256 O  O     . HOH C 3 .  ? -7.033  0.439   -5.618  1.00 75.01  ? 201 HOH A O     1 
HETATM 257 O  O     . HOH C 3 .  ? 0.873   13.519  -11.758 1.00 51.19  ? 202 HOH A O     1 
HETATM 258 O  O     . HOH C 3 .  ? -3.747  5.811   15.175  1.00 53.04  ? 203 HOH A O     1 
HETATM 259 O  O     . HOH C 3 .  ? 0.040   -1.479  12.808  1.00 59.26  ? 204 HOH A O     1 
HETATM 260 O  O     . HOH C 3 .  ? -4.714  -3.121  2.214   1.00 70.13  ? 205 HOH A O     1 
HETATM 261 O  O     . HOH C 3 .  ? -8.579  2.968   -17.193 1.00 75.53  ? 206 HOH A O     1 
HETATM 262 O  O     . HOH C 3 .  ? -9.823  2.723   -14.789 1.00 87.07  ? 207 HOH A O     1 
HETATM 263 O  O     . HOH C 3 .  ? -1.228  9.098   -4.350  1.00 59.56  ? 208 HOH A O     1 
# 
loop_
_atom_site_anisotrop.id 
_atom_site_anisotrop.type_symbol 
_atom_site_anisotrop.pdbx_label_atom_id 
_atom_site_anisotrop.pdbx_label_alt_id 
_atom_site_anisotrop.pdbx_label_comp_id 
_atom_site_anisotrop.pdbx_label_asym_id 
_atom_site_anisotrop.pdbx_label_seq_id 
_atom_site_anisotrop.pdbx_PDB_ins_code 
_atom_site_anisotrop.U[1][1] 
_atom_site_anisotrop.U[2][2] 
_atom_site_anisotrop.U[3][3] 
_atom_site_anisotrop.U[1][2] 
_atom_site_anisotrop.U[1][3] 
_atom_site_anisotrop.U[2][3] 
_atom_site_anisotrop.pdbx_auth_seq_id 
_atom_site_anisotrop.pdbx_auth_comp_id 
_atom_site_anisotrop.pdbx_auth_asym_id 
_atom_site_anisotrop.pdbx_auth_atom_id 
1   O "O5'" . DG A 1  ? 1.4356 1.3195 1.1198 0.1811  0.0779  0.2254  1  DG A "O5'" 
2   C "C5'" . DG A 1  ? 1.3951 1.2566 1.0137 0.1952  0.0982  0.2168  1  DG A "C5'" 
3   C "C4'" . DG A 1  ? 1.2328 1.1124 0.8803 0.2015  0.0956  0.1945  1  DG A "C4'" 
4   O "O4'" . DG A 1  ? 1.0809 1.0259 0.8099 0.2018  0.1233  0.1942  1  DG A "O4'" 
5   C "C3'" . DG A 1  ? 1.1207 1.0036 0.8026 0.1854  0.0508  0.1844  1  DG A "C3'" 
6   O "O3'" . DG A 1  ? 1.2931 1.1400 0.9273 0.1856  0.0392  0.1672  1  DG A "O3'" 
7   C "C2'" . DG A 1  ? 0.9857 0.9335 0.7711 0.1799  0.0587  0.1840  1  DG A "C2'" 
8   C "C1'" . DG A 1  ? 0.9610 0.9320 0.7586 0.1906  0.1005  0.1823  1  DG A "C1'" 
9   N N9    . DG A 1  ? 0.8514 0.8706 0.7237 0.1815  0.1155  0.1903  1  DG A N9    
10  C C8    . DG A 1  ? 0.8033 0.8647 0.7295 0.1819  0.1310  0.1831  1  DG A C8    
11  N N7    . DG A 1  ? 0.7646 0.8505 0.7388 0.1661  0.1356  0.1946  1  DG A N7    
12  C C5    . DG A 1  ? 0.8770 0.9283 0.8215 0.1574  0.1242  0.2102  1  DG A C5    
13  C C6    . DG A 1  ? 0.8140 0.8467 0.7649 0.1386  0.1183  0.2275  1  DG A C6    
14  O O6    . DG A 1  ? 0.9601 1.0044 0.9454 0.1208  0.1206  0.2330  1  DG A O6    
15  N N1    . DG A 1  ? 1.0241 1.0053 0.9211 0.1402  0.1027  0.2396  1  DG A N1    
16  C C2    . DG A 1  ? 1.0509 1.0100 0.9005 0.1553  0.0926  0.2362  1  DG A C2    
17  N N2    . DG A 1  ? 1.1854 1.0924 0.9835 0.1559  0.0740  0.2507  1  DG A N2    
18  N N3    . DG A 1  ? 0.9815 0.9548 0.8216 0.1674  0.0955  0.2206  1  DG A N3    
19  C C4    . DG A 1  ? 0.8849 0.9005 0.7712 0.1687  0.1122  0.2080  1  DG A C4    
20  P P     . DG A 2  ? 1.3715 1.2218 1.0223 0.1567  -0.0086 0.1611  2  DG A P     
21  O OP1   . DG A 2  ? 1.4884 1.2513 1.0288 0.1504  -0.0282 0.1498  2  DG A OP1   
22  O OP2   . DG A 2  ? 1.3300 1.2187 1.0246 0.1450  -0.0382 0.1768  2  DG A OP2   
23  O "O5'" . DG A 2  ? 1.2060 1.1179 0.9479 0.1535  0.0060  0.1516  2  DG A "O5'" 
24  C "C5'" . DG A 2  ? 1.0257 0.9299 0.7619 0.1719  0.0377  0.1390  2  DG A "C5'" 
25  C "C4'" . DG A 2  ? 0.8737 0.8410 0.7047 0.1646  0.0449  0.1346  2  DG A "C4'" 
26  O "O4'" . DG A 2  ? 0.8035 0.8198 0.7011 0.1713  0.0640  0.1456  2  DG A "O4'" 
27  C "C3'" . DG A 2  ? 0.8322 0.8302 0.7031 0.1357  0.0127  0.1350  2  DG A "C3'" 
28  O "O3'" . DG A 2  ? 0.8369 0.8513 0.7399 0.1292  0.0191  0.1240  2  DG A "O3'" 
29  C "C2'" . DG A 2  ? 0.7754 0.8311 0.7177 0.1414  0.0133  0.1475  2  DG A "C2'" 
30  C "C1'" . DG A 2  ? 0.6983 0.7570 0.6619 0.1598  0.0480  0.1469  2  DG A "C1'" 
31  N N9    . DG A 2  ? 0.7017 0.7723 0.6918 0.1674  0.0527  0.1601  2  DG A N9    
32  C C8    . DG A 2  ? 0.6891 0.7466 0.6590 0.1715  0.0349  0.1730  2  DG A C8    
33  N N7    . DG A 2  ? 0.7178 0.7679 0.7007 0.1788  0.0415  0.1832  2  DG A N7    
34  C C5    . DG A 2  ? 0.7205 0.7845 0.7376 0.1741  0.0634  0.1776  2  DG A C5    
35  C C6    . DG A 2  ? 0.7667 0.8182 0.7982 0.1696  0.0725  0.1856  2  DG A C6    
36  O O6    . DG A 2  ? 0.7738 0.7873 0.7817 0.1707  0.0639  0.1989  2  DG A O6    
37  N N1    . DG A 2  ? 0.5910 0.6664 0.6566 0.1602  0.0882  0.1781  2  DG A N1    
38  C C2    . DG A 2  ? 0.6541 0.7572 0.7350 0.1621  0.0955  0.1634  2  DG A C2    
39  N N2    . DG A 2  ? 0.5664 0.6889 0.6780 0.1558  0.1066  0.1591  2  DG A N2    
40  N N3    . DG A 2  ? 0.5766 0.6773 0.6331 0.1672  0.0875  0.1550  2  DG A N3    
41  C C4    . DG A 2  ? 0.6283 0.7110 0.6550 0.1699  0.0711  0.1633  2  DG A C4    
42  P P     . DA A 3  ? 0.8498 0.8351 0.7127 0.0953  -0.0104 0.1186  3  DA A P     
43  O OP1   . DA A 3  ? 0.9107 0.8051 0.6608 0.0900  -0.0311 0.1163  3  DA A OP1   
44  O OP2   . DA A 3  ? 0.9593 1.0257 0.8957 0.0686  -0.0282 0.1304  3  DA A OP2   
45  O "O5'" . DA A 3  ? 0.9900 0.9560 0.8519 0.1075  0.0097  0.1038  3  DA A "O5'" 
46  C "C5'" . DA A 3  ? 0.9742 0.9027 0.7990 0.1458  0.0354  0.0948  3  DA A "C5'" 
47  C "C4'" . DA A 3  ? 0.8608 0.7904 0.7037 0.1538  0.0458  0.0839  3  DA A "C4'" 
48  O "O4'" . DA A 3  ? 0.7583 0.7636 0.6975 0.1590  0.0655  0.0887  3  DA A "O4'" 
49  C "C3'" . DA A 3  ? 0.9332 0.8393 0.7584 0.1160  0.0202  0.0800  3  DA A "C3'" 
50  O "O3'" . DA A 3  ? 1.0994 0.9572 0.8861 0.1320  0.0243  0.0671  3  DA A "O3'" 
51  C "C2'" . DA A 3  ? 0.7819 0.7803 0.7106 0.0988  0.0259  0.0888  3  DA A "C2'" 
52  C "C1'" . DA A 3  ? 0.6735 0.7088 0.6573 0.1324  0.0548  0.0882  3  DA A "C1'" 
53  N N9    . DA A 3  ? 0.6176 0.7126 0.6715 0.1331  0.0621  0.0981  3  DA A N9    
54  C C8    . DA A 3  ? 0.6437 0.7553 0.7052 0.1350  0.0569  0.1096  3  DA A C8    
55  N N7    . DA A 3  ? 0.5967 0.7435 0.7087 0.1432  0.0633  0.1157  3  DA A N7    
56  C C5    . DA A 3  ? 0.5491 0.7025 0.6877 0.1441  0.0737  0.1075  3  DA A C5    
57  C C6    . DA A 3  ? 0.5701 0.7354 0.7437 0.1524  0.0812  0.1074  3  DA A C6    
58  N N6    . DA A 3  ? 0.6220 0.7903 0.8074 0.1654  0.0797  0.1157  3  DA A N6    
59  N N1    . DA A 3  ? 0.5988 0.7571 0.7800 0.1489  0.0867  0.0980  3  DA A N1    
60  C C2    . DA A 3  ? 0.5981 0.7408 0.7561 0.1410  0.0852  0.0900  3  DA A C2    
61  N N3    . DA A 3  ? 0.4897 0.6110 0.6066 0.1370  0.0784  0.0884  3  DA A N3    
62  C C4    . DA A 3  ? 0.6383 0.7655 0.7466 0.1375  0.0732  0.0974  3  DA A C4    
63  P P     . DA A 4  ? 1.1581 0.8854 0.8026 0.1460  0.0061  0.0548  4  DA A P     
64  O OP1   . DA A 4  ? 1.3585 1.0629 0.9925 0.1757  0.0155  0.0435  4  DA A OP1   
65  O OP2   . DA A 4  ? 1.1476 0.8350 0.7284 0.1777  0.0121  0.0545  4  DA A OP2   
66  O "O5'" . DA A 4  ? 1.1421 0.8195 0.7333 0.0801  -0.0345 0.0603  4  DA A "O5'" 
67  C "C5'" . DA A 4  ? 1.2565 0.8781 0.7713 0.0500  -0.0652 0.0673  4  DA A "C5'" 
68  C "C4'" . DA A 4  ? 1.3308 0.8836 0.7694 -0.0169 -0.1086 0.0736  4  DA A "C4'" 
69  O "O4'" . DA A 4  ? 1.4439 0.8297 0.7208 0.0002  -0.1278 0.0586  4  DA A "O4'" 
70  C "C3'" . DA A 4  ? 1.3021 0.9225 0.8142 -0.0537 -0.1049 0.0804  4  DA A "C3'" 
71  O "O3'" . DA A 4  ? 1.4214 1.0773 0.9407 -0.1327 -0.1375 0.1019  4  DA A "O3'" 
72  C "C2'" . DA A 4  ? 1.3585 0.8600 0.7712 -0.0333 -0.1084 0.0640  4  DA A "C2'" 
73  C "C1'" . DA A 4  ? 1.4254 0.7720 0.6793 -0.0094 -0.1312 0.0528  4  DA A "C1'" 
74  N N9    . DA A 4  ? 1.4155 0.6998 0.6195 0.0720  -0.1075 0.0325  4  DA A N9    
75  C C8    . DA A 4  ? 1.3667 0.7110 0.6249 0.1458  -0.0677 0.0252  4  DA A C8    
76  N N7    . DA A 4  ? 1.3939 0.6834 0.5981 0.2108  -0.0544 0.0108  4  DA A N7    
77  C C5    . DA A 4  ? 1.5046 0.6727 0.6026 0.1804  -0.0894 0.0056  4  DA A C5    
78  C C6    . DA A 4  ? 1.6509 0.7014 0.6393 0.2249  -0.0995 -0.0089 4  DA A C6    
79  N N6    . DA A 4  ? 1.6827 0.7439 0.6686 0.3181  -0.0716 -0.0204 4  DA A N6    
80  N N1    . DA A 4  ? 1.7142 0.6423 0.5967 0.1694  -0.1406 -0.0081 4  DA A N1    
81  C C2    . DA A 4  ? 1.6769 0.6180 0.5717 0.0721  -0.1676 0.0090  4  DA A C2    
82  N N3    . DA A 4  ? 1.5299 0.5935 0.5330 0.0277  -0.1608 0.0246  4  DA A N3    
83  C C4    . DA A 4  ? 1.4824 0.6473 0.5798 0.0891  -0.1216 0.0201  4  DA A C4    
84  P P     . DA A 5  ? 1.3786 1.1652 1.0126 -0.1691 -0.1227 0.1169  5  DA A P     
85  O OP1   . DA A 5  ? 1.4959 1.3906 1.1906 -0.2242 -0.1433 0.1445  5  DA A OP1   
86  O OP2   . DA A 5  ? 1.2708 1.1253 0.9993 -0.1080 -0.0770 0.1038  5  DA A OP2   
87  O "O5'" . DA A 5  ? 1.3890 1.0661 0.9189 -0.2088 -0.1425 0.1143  5  DA A "O5'" 
88  C "C5'" . DA A 5  ? 1.5409 1.0770 0.9202 -0.2642 -0.1922 0.1202  5  DA A "C5'" 
89  C "C4'" . DA A 5  ? 1.6074 1.0590 0.9073 -0.3036 -0.2055 0.1213  5  DA A "C4'" 
90  O "O4'" . DA A 5  ? 1.6519 0.9740 0.8656 -0.2328 -0.1951 0.0927  5  DA A "O4'" 
91  C "C3'" . DA A 5  ? 1.5314 1.1227 0.9517 -0.3244 -0.1751 0.1339  5  DA A "C3'" 
92  O "O3'" . DA A 5  ? 1.7084 1.2468 1.0485 -0.4122 -0.2061 0.1541  5  DA A "O3'" 
93  C "C2'" . DA A 5  ? 1.4759 1.0541 0.9274 -0.2394 -0.1365 0.1069  5  DA A "C2'" 
94  C "C1'" . DA A 5  ? 1.5920 0.9843 0.8912 -0.2005 -0.1587 0.0855  5  DA A "C1'" 
95  N N9    . DA A 5  ? 1.4281 0.8146 0.7520 -0.1048 -0.1291 0.0618  5  DA A N9    
96  C C8    . DA A 5  ? 1.2782 0.7741 0.7140 -0.0550 -0.0968 0.0580  5  DA A C8    
97  N N7    . DA A 5  ? 1.2469 0.7168 0.6753 0.0192  -0.0772 0.0409  5  DA A N7    
98  C C5    . DA A 5  ? 1.4103 0.7430 0.7129 0.0289  -0.0984 0.0303  5  DA A C5    
99  C C6    . DA A 5  ? 1.3915 0.6488 0.6308 0.1027  -0.0930 0.0128  5  DA A C6    
100 N N6    . DA A 5  ? 1.3894 0.7183 0.6967 0.1751  -0.0616 0.0060  5  DA A N6    
101 N N1    . DA A 5  ? 1.6028 0.7123 0.7042 0.0989  -0.1225 0.0059  5  DA A N1    
102 C C2    . DA A 5  ? 1.7218 0.7609 0.7507 0.0149  -0.1555 0.0177  5  DA A C2    
103 N N3    . DA A 5  ? 1.6503 0.7667 0.7378 -0.0665 -0.1623 0.0380  5  DA A N3    
104 C C4    . DA A 5  ? 1.4623 0.7293 0.6909 -0.0490 -0.1318 0.0422  5  DA A C4    
105 P P     . DC A 6  ? 1.7409 1.4160 1.1745 -0.4581 -0.1804 0.1763  6  DC A P     
106 O OP1   . DC A 6  ? 1.7442 1.4145 1.1169 -0.5738 -0.2217 0.2124  6  DC A OP1   
107 O OP2   . DC A 6  ? 1.4961 1.3592 1.1024 -0.4060 -0.1333 0.1764  6  DC A OP2   
108 O "O5'" . DC A 6  ? 1.4992 1.0586 0.8623 -0.4187 -0.1666 0.1531  6  DC A "O5'" 
109 C "C5'" . DC A 6  ? 1.7010 1.0447 0.8851 -0.4213 -0.2045 0.1392  6  DC A "C5'" 
110 C "C4'" . DC A 6  ? 1.7372 1.0139 0.8977 -0.3527 -0.1833 0.1140  6  DC A "C4'" 
111 O "O4'" . DC A 6  ? 1.6069 0.8893 0.8106 -0.2531 -0.1617 0.0872  6  DC A "O4'" 
112 C "C3'" . DC A 6  ? 1.7074 1.1096 0.9763 -0.3552 -0.1440 0.1205  6  DC A "C3'" 
113 O "O3'" . DC A 6  ? 2.0733 1.3494 1.2321 -0.3675 -0.1573 0.1162  6  DC A "O3'" 
114 C "C2'" . DC A 6  ? 1.5611 1.0475 0.9454 -0.2614 -0.1056 0.0982  6  DC A "C2'" 
115 C "C1'" . DC A 6  ? 1.5470 0.8990 0.8375 -0.2029 -0.1260 0.0759  6  DC A "C1'" 
116 N N1    . DC A 6  ? 1.3458 0.7663 0.7260 -0.1227 -0.0990 0.0597  6  DC A N1    
117 C C2    . DC A 6  ? 1.3829 0.7285 0.7190 -0.0478 -0.0977 0.0387  6  DC A C2    
118 O O2    . DC A 6  ? 1.4076 0.6208 0.6242 -0.0424 -0.1210 0.0314  6  DC A O2    
119 N N3    . DC A 6  ? 1.2591 0.6821 0.6815 0.0162  -0.0721 0.0297  6  DC A N3    
120 C C4    . DC A 6  ? 1.2531 0.7991 0.7869 0.0080  -0.0513 0.0383  6  DC A C4    
121 N N4    . DC A 6  ? 1.1650 0.7745 0.7699 0.0635  -0.0286 0.0323  6  DC A N4    
122 C C5    . DC A 6  ? 1.2303 0.8442 0.8053 -0.0573 -0.0539 0.0566  6  DC A C5    
123 C C6    . DC A 6  ? 1.2570 0.8169 0.7603 -0.1210 -0.0766 0.0678  6  DC A C6    
124 P P     . DG A 7  ? 2.0824 1.4314 1.2767 -0.4166 -0.1345 0.1344  7  DG A P     
125 O OP1   . DG A 7  ? 2.1165 1.4682 1.2555 -0.5299 -0.1595 0.1703  7  DG A OP1   
126 O OP2   . DG A 7  ? 2.0385 1.5609 1.3968 -0.3660 -0.0839 0.1291  7  DG A OP2   
127 O "O5'" . DG A 7  ? 2.0998 1.2814 1.1719 -0.3820 -0.1494 0.1149  7  DG A "O5'" 
128 C "C5'" . DG A 7  ? 2.1308 1.1281 1.0663 -0.3370 -0.1865 0.0942  7  DG A "C5'" 
129 C "C4'" . DG A 7  ? 2.0807 1.0300 1.0104 -0.2494 -0.1771 0.0687  7  DG A "C4'" 
130 O "O4'" . DG A 7  ? 1.7826 0.8247 0.8257 -0.1641 -0.1525 0.0502  7  DG A "O4'" 
131 C "C3'" . DG A 7  ? 2.0337 1.0487 1.0180 -0.2602 -0.1514 0.0735  7  DG A "C3'" 
132 O "O3'" . DG A 7  ? 2.1815 1.0492 1.0521 -0.2208 -0.1752 0.0590  7  DG A "O3'" 
133 C "C2'" . DG A 7  ? 1.7679 0.9575 0.9286 -0.2069 -0.1088 0.0649  7  DG A "C2'" 
134 C "C1'" . DG A 7  ? 1.6712 0.8378 0.8408 -0.1348 -0.1172 0.0463  7  DG A "C1'" 
135 N N9    . DG A 7  ? 1.3745 0.6888 0.6859 -0.1090 -0.0877 0.0456  7  DG A N9    
136 C C8    . DG A 7  ? 1.3254 0.7634 0.7265 -0.1524 -0.0679 0.0619  7  DG A C8    
137 N N7    . DG A 7  ? 1.1502 0.6845 0.6544 -0.1106 -0.0477 0.0565  7  DG A N7    
138 C C5    . DG A 7  ? 1.1952 0.6772 0.6826 -0.0419 -0.0524 0.0377  7  DG A C5    
139 C C6    . DG A 7  ? 1.1146 0.6610 0.6809 0.0171  -0.0364 0.0290  7  DG A C6    
140 O O6    . DG A 7  ? 1.0231 0.6682 0.6807 0.0209  -0.0171 0.0339  7  DG A O6    
141 N N1    . DG A 7  ? 1.1256 0.6131 0.6526 0.0761  -0.0457 0.0158  7  DG A N1    
142 C C2    . DG A 7  ? 1.3053 0.6748 0.7239 0.0858  -0.0703 0.0092  7  DG A C2    
143 N N2    . DG A 7  ? 1.4009 0.7449 0.8035 0.1561  -0.0764 -0.0015 7  DG A N2    
144 N N3    . DG A 7  ? 1.3470 0.6334 0.6775 0.0307  -0.0882 0.0153  7  DG A N3    
145 C C4    . DG A 7  ? 1.3105 0.6639 0.6840 -0.0352 -0.0768 0.0306  7  DG A C4    
146 P P     . DT A 8  ? 2.1221 1.0114 1.0166 -0.2088 -0.1588 0.0566  8  DT A P     
147 O OP1   . DT A 8  ? 2.3638 1.0651 1.0803 -0.2341 -0.1970 0.0595  8  DT A OP1   
148 O OP2   . DT A 8  ? 1.8527 0.9103 0.8736 -0.2508 -0.1154 0.0719  8  DT A OP2   
149 O "O5'" . DT A 8  ? 2.1313 1.0511 1.0955 -0.1028 -0.1541 0.0317  8  DT A "O5'" 
150 C "C5'" . DT A 8  ? 2.2938 1.1273 1.1971 -0.0351 -0.1791 0.0162  8  DT A "C5'" 
151 C "C4'" . DT A 8  ? 2.1554 1.0728 1.1600 0.0525  -0.1669 0.0015  8  DT A "C4'" 
152 O "O4'" . DT A 8  ? 1.9272 1.0028 1.0814 0.0617  -0.1334 0.0027  8  DT A "O4'" 
153 C "C3'" . DT A 8  ? 1.9879 0.9348 1.0279 0.0553  -0.1629 0.0012  8  DT A "C3'" 
154 O "O3'" . DT A 8  ? 2.1253 1.0367 1.1474 0.1348  -0.1852 -0.0104 8  DT A "O3'" 
155 C "C2'" . DT A 8  ? 1.7519 0.8670 0.9489 0.0376  -0.1232 0.0060  8  DT A "C2'" 
156 C "C1'" . DT A 8  ? 1.6327 0.8223 0.9032 0.0682  -0.1107 0.0032  8  DT A "C1'" 
157 N N1    . DT A 8  ? 1.3851 0.7009 0.7652 0.0337  -0.0778 0.0117  8  DT A N1    
158 C C2    . DT A 8  ? 1.2564 0.6735 0.7432 0.0737  -0.0609 0.0084  8  DT A C2    
159 O O2    . DT A 8  ? 1.3255 0.7486 0.8293 0.1312  -0.0688 0.0013  8  DT A O2    
160 N N3    . DT A 8  ? 1.1314 0.6485 0.7036 0.0450  -0.0345 0.0163  8  DT A N3    
161 C C4    . DT A 8  ? 1.1483 0.6933 0.7210 -0.0128 -0.0214 0.0284  8  DT A C4    
162 O O4    . DT A 8  ? 1.1396 0.7835 0.7951 -0.0223 0.0012  0.0352  8  DT A O4    
163 C C5    . DT A 8  ? 1.2124 0.6672 0.6816 -0.0574 -0.0365 0.0344  8  DT A C5    
164 C C7    . DT A 8  ? 1.2518 0.7556 0.7240 -0.1250 -0.0201 0.0535  8  DT A C7    
165 C C6    . DT A 8  ? 1.3360 0.6721 0.7089 -0.0349 -0.0649 0.0254  8  DT A C6    
166 P P     . DT A 9  ? 2.1920 1.1155 1.2348 0.1485  -0.1944 -0.0116 9  DT A P     
167 O OP1   . DT A 9  ? 2.0638 0.8692 0.9997 0.2102  -0.2355 -0.0189 9  DT A OP1   
168 O OP2   . DT A 9  ? 2.1274 1.0482 1.1562 0.0707  -0.1780 -0.0021 9  DT A OP2   
169 O "O5'" . DT A 9  ? 1.8359 0.9296 1.0483 0.1853  -0.1722 -0.0127 9  DT A "O5'" 
170 C "C5'" . DT A 9  ? 1.6437 0.8076 0.9198 0.2445  -0.1672 -0.0155 9  DT A "C5'" 
171 C "C4'" . DT A 9  ? 1.4957 0.8168 0.9261 0.2485  -0.1455 -0.0103 9  DT A "C4'" 
172 O "O4'" . DT A 9  ? 1.4905 0.8718 0.9781 0.2001  -0.1128 -0.0065 9  DT A "O4'" 
173 C "C3'" . DT A 9  ? 1.4057 0.7462 0.8655 0.2317  -0.1566 -0.0078 9  DT A "C3'" 
174 O "O3'" . DT A 9  ? 1.4649 0.8525 0.9656 0.2880  -0.1821 -0.0047 9  DT A "O3'" 
175 C "C2'" . DT A 9  ? 1.3662 0.7983 0.9194 0.1885  -0.1249 -0.0036 9  DT A "C2'" 
176 C "C1'" . DT A 9  ? 1.2610 0.7337 0.8450 0.1809  -0.0979 -0.0023 9  DT A "C1'" 
177 N N1    . DT A 9  ? 1.0815 0.5697 0.6746 0.1268  -0.0704 0.0006  9  DT A N1    
178 C C2    . DT A 9  ? 0.9986 0.5819 0.6825 0.1208  -0.0447 0.0048  9  DT A C2    
179 O O2    . DT A 9  ? 0.9840 0.6350 0.7394 0.1499  -0.0430 0.0070  9  DT A O2    
180 N N3    . DT A 9  ? 0.8934 0.4962 0.5817 0.0794  -0.0212 0.0091  9  DT A N3    
181 C C4    . DT A 9  ? 1.0340 0.5863 0.6531 0.0387  -0.0173 0.0126  9  DT A C4    
182 O O4    . DT A 9  ? 0.9739 0.5780 0.6182 0.0077  0.0077  0.0206  9  DT A O4    
183 C C5    . DT A 9  ? 1.0982 0.5427 0.6166 0.0382  -0.0444 0.0092  9  DT A C5    
184 C C7    . DT A 9  ? 1.1644 0.5456 0.5947 -0.0135 -0.0418 0.0168  9  DT A C7    
185 C C6    . DT A 9  ? 1.1383 0.5500 0.6456 0.0848  -0.0709 0.0020  9  DT A C6    
186 P P     . DG A 10 ? 1.5605 0.9379 1.0592 0.2840  -0.2142 -0.0013 10 DG A P     
187 O OP1   . DG A 10 ? 1.6202 1.0276 1.1307 0.3527  -0.2479 0.0038  10 DG A OP1   
188 O OP2   . DG A 10 ? 1.6807 0.9361 1.0715 0.2369  -0.2174 -0.0072 10 DG A OP2   
189 O "O5'" . DG A 10 ? 1.5399 1.0387 1.1623 0.2548  -0.1996 0.0070  10 DG A "O5'" 
190 C "C5'" . DG A 10 ? 1.2938 0.9254 1.0299 0.2822  -0.1955 0.0189  10 DG A "C5'" 
191 C "C4'" . DG A 10 ? 1.2284 0.9269 1.0423 0.2355  -0.1756 0.0247  10 DG A "C4'" 
192 O "O4'" . DG A 10 ? 1.1207 0.7719 0.8995 0.2031  -0.1410 0.0148  10 DG A "O4'" 
193 C "C3'" . DG A 10 ? 1.1726 0.8485 0.9801 0.2014  -0.2020 0.0278  10 DG A "C3'" 
194 O "O3'" . DG A 10 ? 1.1505 0.9175 1.0480 0.1791  -0.2041 0.0420  10 DG A "O3'" 
195 C "C2'" . DG A 10 ? 1.0867 0.6643 0.8137 0.1659  -0.1794 0.0139  10 DG A "C2'" 
196 C "C1'" . DG A 10 ? 1.0476 0.6660 0.8098 0.1627  -0.1380 0.0120  10 DG A "C1'" 
197 N N9    . DG A 10 ? 1.0301 0.5862 0.7282 0.1378  -0.1103 0.0033  10 DG A N9    
198 C C8    . DG A 10 ? 0.9681 0.4290 0.5665 0.1258  -0.1154 -0.0021 10 DG A C8    
199 N N7    . DG A 10 ? 1.0454 0.4942 0.6178 0.0951  -0.0843 -0.0028 10 DG A N7    
200 C C5    . DG A 10 ? 0.9547 0.4915 0.6138 0.0939  -0.0588 0.0001  10 DG A C5    
201 C C6    . DG A 10 ? 0.9144 0.4935 0.5968 0.0723  -0.0229 0.0028  10 DG A C6    
202 O O6    . DG A 10 ? 0.9380 0.5002 0.5773 0.0442  -0.0040 0.0058  10 DG A O6    
203 N N1    . DG A 10 ? 0.8501 0.5056 0.6165 0.0842  -0.0108 0.0055  10 DG A N1    
204 C C2    . DG A 10 ? 0.8289 0.5195 0.6498 0.1046  -0.0290 0.0080  10 DG A C2    
205 N N2    . DG A 10 ? 1.0857 0.8387 0.9725 0.1068  -0.0145 0.0130  10 DG A N2    
206 N N3    . DG A 10 ? 0.9042 0.5757 0.7155 0.1200  -0.0607 0.0087  10 DG A N3    
207 C C4    . DG A 10 ? 0.9019 0.4954 0.6321 0.1178  -0.0746 0.0034  10 DG A C4    
208 P P     . DG A 11 ? 1.3052 1.0517 1.1968 0.1410  -0.2423 0.0497  11 DG A P     
209 O OP1   . DG A 11 ? 1.2443 1.1132 1.2382 0.1311  -0.2627 0.0745  11 DG A OP1   
210 O OP2   . DG A 11 ? 1.4417 1.0964 1.2463 0.1491  -0.2755 0.0424  11 DG A OP2   
211 O "O5'" . DG A 11 ? 1.2581 0.9390 1.1100 0.1043  -0.2123 0.0381  11 DG A "O5'" 
212 C "C5'" . DG A 11 ? 1.0228 0.7457 0.9175 0.1009  -0.1706 0.0372  11 DG A "C5'" 
213 C "C4'" . DG A 11 ? 0.9629 0.6082 0.7965 0.0808  -0.1471 0.0244  11 DG A "C4'" 
214 O "O4'" . DG A 11 ? 0.9444 0.5301 0.7094 0.0891  -0.1250 0.0106  11 DG A "O4'" 
215 C "C3'" . DG A 11 ? 1.0322 0.6007 0.8068 0.0562  -0.1781 0.0236  11 DG A "C3'" 
216 O "O3'" . DG A 11 ? 1.0436 0.5658 0.7827 0.0480  -0.1531 0.0161  11 DG A "O3'" 
217 C "C2'" . DG A 11 ? 1.0511 0.5355 0.7370 0.0626  -0.1864 0.0120  11 DG A "C2'" 
218 C "C1'" . DG A 11 ? 0.9939 0.4856 0.6705 0.0770  -0.1397 0.0031  11 DG A "C1'" 
219 N N9    . DG A 11 ? 1.0395 0.4817 0.6553 0.0847  -0.1457 -0.0017 11 DG A N9    
220 C C8    . DG A 11 ? 1.0427 0.4535 0.6298 0.0951  -0.1880 0.0011  11 DG A C8    
221 N N7    . DG A 11 ? 1.1890 0.5370 0.7034 0.1002  -0.1850 -0.0043 11 DG A N7    
222 C C5    . DG A 11 ? 1.0835 0.4342 0.5865 0.0852  -0.1378 -0.0084 11 DG A C5    
223 C C6    . DG A 11 ? 1.2651 0.5656 0.6977 0.0706  -0.1169 -0.0101 11 DG A C6    
224 O O6    . DG A 11 ? 1.2700 0.4920 0.6209 0.0696  -0.1369 -0.0103 11 DG A O6    
225 N N1    . DG A 11 ? 1.1309 0.4802 0.5909 0.0531  -0.0716 -0.0086 11 DG A N1    
226 C C2    . DG A 11 ? 1.0973 0.5209 0.6338 0.0585  -0.0492 -0.0083 11 DG A C2    
227 N N2    . DG A 11 ? 1.0518 0.5224 0.6065 0.0463  -0.0084 -0.0051 11 DG A N2    
228 N N3    . DG A 11 ? 0.9986 0.4476 0.5857 0.0721  -0.0689 -0.0085 11 DG A N3    
229 C C4    . DG A 11 ? 1.1137 0.5286 0.6833 0.0804  -0.1128 -0.0074 11 DG A C4    
230 P P     . DA A 12 ? 1.1376 0.5972 0.8377 0.0208  -0.1851 0.0213  12 DA A P     
231 O OP1   . DA A 12 ? 1.1134 0.6499 0.8917 -0.0047 -0.2266 0.0446  12 DA A OP1   
232 O OP2   . DA A 12 ? 1.2604 0.5944 0.8407 0.0179  -0.1992 0.0078  12 DA A OP2   
233 O "O5'" . DA A 12 ? 1.1876 0.6480 0.8922 0.0319  -0.1449 0.0168  12 DA A "O5'" 
234 C "C5'" . DA A 12 ? 1.0980 0.6607 0.8961 0.0402  -0.1199 0.0256  12 DA A "C5'" 
235 C "C4'" . DA A 12 ? 1.0331 0.5912 0.8162 0.0661  -0.0724 0.0146  12 DA A "C4'" 
236 O "O4'" . DA A 12 ? 1.0269 0.5888 0.7876 0.0827  -0.0440 0.0036  12 DA A "O4'" 
237 C "C3'" . DA A 12 ? 1.1484 0.6064 0.8440 0.0745  -0.0696 0.0060  12 DA A "C3'" 
238 O "O3'" . DA A 12 ? 1.4826 0.9707 1.2042 0.0950  -0.0408 0.0074  12 DA A "O3'" 
239 C "C2'" . DA A 12 ? 1.1707 0.5746 0.7889 0.0947  -0.0475 -0.0099 12 DA A "C2'" 
240 C "C1'" . DA A 12 ? 1.0153 0.5136 0.6986 0.1002  -0.0187 -0.0082 12 DA A "C1'" 
241 N N9    . DA A 12 ? 1.0046 0.4763 0.6367 0.0998  -0.0088 -0.0151 12 DA A N9    
242 C C8    . DA A 12 ? 0.9647 0.4118 0.5786 0.0838  -0.0381 -0.0144 12 DA A C8    
243 N N7    . DA A 12 ? 1.0322 0.4493 0.5883 0.0834  -0.0200 -0.0196 12 DA A N7    
244 C C5    . DA A 12 ? 1.0300 0.4709 0.5755 0.0996  0.0270  -0.0221 12 DA A C5    
245 C C6    . DA A 12 ? 1.1115 0.5596 0.6121 0.1027  0.0677  -0.0225 12 DA A C6    
246 N N6    . DA A 12 ? 1.2129 0.6206 0.6532 0.0833  0.0657  -0.0217 12 DA A N6    
247 N N1    . DA A 12 ? 1.1163 0.6172 0.6313 0.1273  0.1107  -0.0211 12 DA A N1    
248 C C2    . DA A 12 ? 1.0394 0.5661 0.6022 0.1483  0.1093  -0.0216 12 DA A C2    
249 N N3    . DA A 12 ? 0.9534 0.4636 0.5531 0.1411  0.0724  -0.0211 12 DA A N3    
250 C C4    . DA A 12 ? 1.0048 0.4795 0.5979 0.1149  0.0335  -0.0205 12 DA A C4    
251 P P     . DG A 13 ? 1.5867 1.0227 1.2875 0.0813  -0.0648 0.0174  13 DG A P     
252 O OP1   . DG A 13 ? 1.7840 1.2365 1.4892 0.1191  -0.0288 0.0137  13 DG A OP1   
253 O OP2   . DG A 13 ? 1.4935 0.9922 1.2683 0.0375  -0.0983 0.0385  13 DG A OP2   
254 O "O5'" . DG A 13 ? 1.5963 0.8794 1.1651 0.0772  -0.0940 0.0077  13 DG A "O5'" 
# 
loop_
_pdbx_poly_seq_scheme.asym_id 
_pdbx_poly_seq_scheme.entity_id 
_pdbx_poly_seq_scheme.seq_id 
_pdbx_poly_seq_scheme.mon_id 
_pdbx_poly_seq_scheme.ndb_seq_num 
_pdbx_poly_seq_scheme.pdb_seq_num 
_pdbx_poly_seq_scheme.auth_seq_num 
_pdbx_poly_seq_scheme.pdb_mon_id 
_pdbx_poly_seq_scheme.auth_mon_id 
_pdbx_poly_seq_scheme.pdb_strand_id 
_pdbx_poly_seq_scheme.pdb_ins_code 
_pdbx_poly_seq_scheme.hetero 
A 1 1  DG 1  1  1  DG DG A . n 
A 1 2  DG 2  2  2  DG DG A . n 
A 1 3  DA 3  3  3  DA DA A . n 
A 1 4  DA 4  4  4  DA DA A . n 
A 1 5  DA 5  5  5  DA DA A . n 
A 1 6  DC 6  6  6  DC DC A . n 
A 1 7  DG 7  7  7  DG DG A . n 
A 1 8  DT 8  8  8  DT DT A . n 
A 1 9  DT 9  9  9  DT DT A . n 
A 1 10 DG 10 10 10 DG DG A . n 
A 1 11 DG 11 11 11 DG DG A . n 
A 1 12 DA 12 12 12 DA DA A . n 
A 1 13 DG 13 13 13 DG DG A . n 
# 
loop_
_pdbx_nonpoly_scheme.asym_id 
_pdbx_nonpoly_scheme.entity_id 
_pdbx_nonpoly_scheme.mon_id 
_pdbx_nonpoly_scheme.ndb_seq_num 
_pdbx_nonpoly_scheme.pdb_seq_num 
_pdbx_nonpoly_scheme.auth_seq_num 
_pdbx_nonpoly_scheme.pdb_mon_id 
_pdbx_nonpoly_scheme.auth_mon_id 
_pdbx_nonpoly_scheme.pdb_strand_id 
_pdbx_nonpoly_scheme.pdb_ins_code 
B 2 MG  1 101 1  MG  MG  A . 
C 3 HOH 1 201 4  HOH HOH A . 
C 3 HOH 2 202 6  HOH HOH A . 
C 3 HOH 3 203 7  HOH HOH A . 
C 3 HOH 4 204 8  HOH HOH A . 
C 3 HOH 5 205 9  HOH HOH A . 
C 3 HOH 6 206 10 HOH HOH A . 
C 3 HOH 7 207 11 HOH HOH A . 
C 3 HOH 8 208 15 HOH HOH A . 
# 
_pdbx_struct_assembly.id                   1 
_pdbx_struct_assembly.details              author_defined_assembly 
_pdbx_struct_assembly.method_details       ? 
_pdbx_struct_assembly.oligomeric_details   dimeric 
_pdbx_struct_assembly.oligomeric_count     2 
# 
_pdbx_struct_assembly_gen.assembly_id       1 
_pdbx_struct_assembly_gen.oper_expression   1,2 
_pdbx_struct_assembly_gen.asym_id_list      A,B,C 
# 
loop_
_pdbx_struct_oper_list.id 
_pdbx_struct_oper_list.type 
_pdbx_struct_oper_list.name 
_pdbx_struct_oper_list.symmetry_operation 
_pdbx_struct_oper_list.matrix[1][1] 
_pdbx_struct_oper_list.matrix[1][2] 
_pdbx_struct_oper_list.matrix[1][3] 
_pdbx_struct_oper_list.vector[1] 
_pdbx_struct_oper_list.matrix[2][1] 
_pdbx_struct_oper_list.matrix[2][2] 
_pdbx_struct_oper_list.matrix[2][3] 
_pdbx_struct_oper_list.vector[2] 
_pdbx_struct_oper_list.matrix[3][1] 
_pdbx_struct_oper_list.matrix[3][2] 
_pdbx_struct_oper_list.matrix[3][3] 
_pdbx_struct_oper_list.vector[3] 
1 'identity operation'         1_555 x,y,z     1.0000000000  0.0000000000  0.0000000000 0.0000000000  0.0000000000  1.0000000000 0.0000000000  0.0000000000  0.0000000000 0.0000000000  1.0000000000  0.0000000000  
2 'crystal symmetry operation' 4_545 -x,-y-1,z -0.7862199864 -0.5206581504 0.3328261159 -1.1078964053 -0.5206581504 0.2680554416 -0.8105932215 -3.4364693762 0.3328261159 -0.8105932215 -0.4818354552 -4.6642363876 
# 
_pdbx_struct_conn_angle.id                    1 
_pdbx_struct_conn_angle.ptnr1_label_atom_id   O 
_pdbx_struct_conn_angle.ptnr1_label_alt_id    ? 
_pdbx_struct_conn_angle.ptnr1_label_asym_id   C 
_pdbx_struct_conn_angle.ptnr1_label_comp_id   HOH 
_pdbx_struct_conn_angle.ptnr1_label_seq_id    . 
_pdbx_struct_conn_angle.ptnr1_auth_atom_id    ? 
_pdbx_struct_conn_angle.ptnr1_auth_asym_id    A 
_pdbx_struct_conn_angle.ptnr1_auth_comp_id    HOH 
_pdbx_struct_conn_angle.ptnr1_auth_seq_id     206 
_pdbx_struct_conn_angle.ptnr1_PDB_ins_code    ? 
_pdbx_struct_conn_angle.ptnr1_symmetry        1_555 
_pdbx_struct_conn_angle.ptnr2_label_atom_id   MG 
_pdbx_struct_conn_angle.ptnr2_label_alt_id    ? 
_pdbx_struct_conn_angle.ptnr2_label_asym_id   B 
_pdbx_struct_conn_angle.ptnr2_label_comp_id   MG 
_pdbx_struct_conn_angle.ptnr2_label_seq_id    . 
_pdbx_struct_conn_angle.ptnr2_auth_atom_id    ? 
_pdbx_struct_conn_angle.ptnr2_auth_asym_id    A 
_pdbx_struct_conn_angle.ptnr2_auth_comp_id    MG 
_pdbx_struct_conn_angle.ptnr2_auth_seq_id     101 
_pdbx_struct_conn_angle.ptnr2_PDB_ins_code    ? 
_pdbx_struct_conn_angle.ptnr2_symmetry        1_555 
_pdbx_struct_conn_angle.ptnr3_label_atom_id   O 
_pdbx_struct_conn_angle.ptnr3_label_alt_id    ? 
_pdbx_struct_conn_angle.ptnr3_label_asym_id   C 
_pdbx_struct_conn_angle.ptnr3_label_comp_id   HOH 
_pdbx_struct_conn_angle.ptnr3_label_seq_id    . 
_pdbx_struct_conn_angle.ptnr3_auth_atom_id    ? 
_pdbx_struct_conn_angle.ptnr3_auth_asym_id    A 
_pdbx_struct_conn_angle.ptnr3_auth_comp_id    HOH 
_pdbx_struct_conn_angle.ptnr3_auth_seq_id     207 
_pdbx_struct_conn_angle.ptnr3_PDB_ins_code    ? 
_pdbx_struct_conn_angle.ptnr3_symmetry        1_555 
_pdbx_struct_conn_angle.value                 75.2 
_pdbx_struct_conn_angle.value_esd             ? 
# 
loop_
_pdbx_audit_revision_history.ordinal 
_pdbx_audit_revision_history.data_content_type 
_pdbx_audit_revision_history.major_revision 
_pdbx_audit_revision_history.minor_revision 
_pdbx_audit_revision_history.revision_date 
1 'Structure model' 1 0 2015-06-17 
2 'Structure model' 1 1 2015-09-09 
3 'Structure model' 1 2 2023-09-20 
# 
_pdbx_audit_revision_details.ordinal             1 
_pdbx_audit_revision_details.revision_ordinal    1 
_pdbx_audit_revision_details.data_content_type   'Structure model' 
_pdbx_audit_revision_details.provider            repository 
_pdbx_audit_revision_details.type                'Initial release' 
_pdbx_audit_revision_details.description         ? 
_pdbx_audit_revision_details.details             ? 
# 
loop_
_pdbx_audit_revision_group.ordinal 
_pdbx_audit_revision_group.revision_ordinal 
_pdbx_audit_revision_group.data_content_type 
_pdbx_audit_revision_group.group 
1 2 'Structure model' 'Database references'    
2 3 'Structure model' 'Data collection'        
3 3 'Structure model' 'Database references'    
4 3 'Structure model' 'Derived calculations'   
5 3 'Structure model' 'Refinement description' 
# 
loop_
_pdbx_audit_revision_category.ordinal 
_pdbx_audit_revision_category.revision_ordinal 
_pdbx_audit_revision_category.data_content_type 
_pdbx_audit_revision_category.category 
1 3 'Structure model' chem_comp_atom                
2 3 'Structure model' chem_comp_bond                
3 3 'Structure model' database_2                    
4 3 'Structure model' pdbx_initial_refinement_model 
5 3 'Structure model' pdbx_struct_conn_angle        
6 3 'Structure model' struct_conn                   
7 3 'Structure model' struct_site                   
# 
loop_
_pdbx_audit_revision_item.ordinal 
_pdbx_audit_revision_item.revision_ordinal 
_pdbx_audit_revision_item.data_content_type 
_pdbx_audit_revision_item.item 
1 3 'Structure model' '_database_2.pdbx_DOI'                      
2 3 'Structure model' '_database_2.pdbx_database_accession'       
3 3 'Structure model' '_pdbx_struct_conn_angle.ptnr1_auth_seq_id' 
4 3 'Structure model' '_pdbx_struct_conn_angle.ptnr3_auth_seq_id' 
5 3 'Structure model' '_struct_conn.pdbx_dist_value'              
6 3 'Structure model' '_struct_conn.ptnr2_auth_seq_id'            
7 3 'Structure model' '_struct_site.pdbx_auth_asym_id'            
8 3 'Structure model' '_struct_site.pdbx_auth_comp_id'            
9 3 'Structure model' '_struct_site.pdbx_auth_seq_id'             
# 
_pdbx_refine_tls.pdbx_refine_id   'X-RAY DIFFRACTION' 
_pdbx_refine_tls.id               1 
_pdbx_refine_tls.details          ? 
_pdbx_refine_tls.method           refined 
_pdbx_refine_tls.origin_x         0.1330 
_pdbx_refine_tls.origin_y         -0.2166 
_pdbx_refine_tls.origin_z         0.0401 
_pdbx_refine_tls.T[1][1]          0.3646 
_pdbx_refine_tls.T[2][2]          0.2269 
_pdbx_refine_tls.T[3][3]          0.2609 
_pdbx_refine_tls.T[1][2]          0.0992 
_pdbx_refine_tls.T[1][3]          0.0335 
_pdbx_refine_tls.T[2][3]          0.0344 
_pdbx_refine_tls.L[1][1]          1.6706 
_pdbx_refine_tls.L[2][2]          6.6248 
_pdbx_refine_tls.L[3][3]          14.1489 
_pdbx_refine_tls.L[1][2]          -0.3639 
_pdbx_refine_tls.L[1][3]          2.7621 
_pdbx_refine_tls.L[2][3]          -2.8109 
_pdbx_refine_tls.S[1][1]          0.4098 
_pdbx_refine_tls.S[1][2]          0.1936 
_pdbx_refine_tls.S[1][3]          0.1249 
_pdbx_refine_tls.S[2][1]          0.0632 
_pdbx_refine_tls.S[2][2]          -0.0664 
_pdbx_refine_tls.S[2][3]          -0.0546 
_pdbx_refine_tls.S[3][1]          1.7007 
_pdbx_refine_tls.S[3][2]          -0.2718 
_pdbx_refine_tls.S[3][3]          -0.3434 
# 
_pdbx_refine_tls_group.pdbx_refine_id      'X-RAY DIFFRACTION' 
_pdbx_refine_tls_group.id                  1 
_pdbx_refine_tls_group.refine_tls_id       1 
_pdbx_refine_tls_group.beg_auth_asym_id    A 
_pdbx_refine_tls_group.beg_auth_seq_id     1 
_pdbx_refine_tls_group.beg_label_asym_id   ? 
_pdbx_refine_tls_group.beg_label_seq_id    ? 
_pdbx_refine_tls_group.end_auth_asym_id    A 
_pdbx_refine_tls_group.end_auth_seq_id     13 
_pdbx_refine_tls_group.end_label_asym_id   ? 
_pdbx_refine_tls_group.end_label_seq_id    ? 
_pdbx_refine_tls_group.selection           ? 
_pdbx_refine_tls_group.selection_details   ? 
# 
_software.name             REFMAC 
_software.classification   refinement 
_software.version          5.8.0073 
_software.citation_id      ? 
_software.pdbx_ordinal     1 
# 
loop_
_pdbx_unobs_or_zero_occ_atoms.id 
_pdbx_unobs_or_zero_occ_atoms.PDB_model_num 
_pdbx_unobs_or_zero_occ_atoms.polymer_flag 
_pdbx_unobs_or_zero_occ_atoms.occupancy_flag 
_pdbx_unobs_or_zero_occ_atoms.auth_asym_id 
_pdbx_unobs_or_zero_occ_atoms.auth_comp_id 
_pdbx_unobs_or_zero_occ_atoms.auth_seq_id 
_pdbx_unobs_or_zero_occ_atoms.PDB_ins_code 
_pdbx_unobs_or_zero_occ_atoms.auth_atom_id 
_pdbx_unobs_or_zero_occ_atoms.label_alt_id 
_pdbx_unobs_or_zero_occ_atoms.label_asym_id 
_pdbx_unobs_or_zero_occ_atoms.label_comp_id 
_pdbx_unobs_or_zero_occ_atoms.label_seq_id 
_pdbx_unobs_or_zero_occ_atoms.label_atom_id 
1  1 Y 1 A DG 13 ? "C5'" ? A DG 13 "C5'" 
2  1 Y 1 A DG 13 ? "C4'" ? A DG 13 "C4'" 
3  1 Y 1 A DG 13 ? "O4'" ? A DG 13 "O4'" 
4  1 Y 1 A DG 13 ? "C3'" ? A DG 13 "C3'" 
5  1 Y 1 A DG 13 ? "O3'" ? A DG 13 "O3'" 
6  1 Y 1 A DG 13 ? "C2'" ? A DG 13 "C2'" 
7  1 Y 1 A DG 13 ? "C1'" ? A DG 13 "C1'" 
8  1 Y 1 A DG 13 ? N9    ? A DG 13 N9    
9  1 Y 1 A DG 13 ? C8    ? A DG 13 C8    
10 1 Y 1 A DG 13 ? N7    ? A DG 13 N7    
11 1 Y 1 A DG 13 ? C5    ? A DG 13 C5    
12 1 Y 1 A DG 13 ? C6    ? A DG 13 C6    
13 1 Y 1 A DG 13 ? O6    ? A DG 13 O6    
14 1 Y 1 A DG 13 ? N1    ? A DG 13 N1    
15 1 Y 1 A DG 13 ? C2    ? A DG 13 C2    
16 1 Y 1 A DG 13 ? N2    ? A DG 13 N2    
17 1 Y 1 A DG 13 ? N3    ? A DG 13 N3    
18 1 Y 1 A DG 13 ? C4    ? A DG 13 C4    
# 
loop_
_chem_comp_atom.comp_id 
_chem_comp_atom.atom_id 
_chem_comp_atom.type_symbol 
_chem_comp_atom.pdbx_aromatic_flag 
_chem_comp_atom.pdbx_stereo_config 
_chem_comp_atom.pdbx_ordinal 
DA  OP3    O  N N 1   
DA  P      P  N N 2   
DA  OP1    O  N N 3   
DA  OP2    O  N N 4   
DA  "O5'"  O  N N 5   
DA  "C5'"  C  N N 6   
DA  "C4'"  C  N R 7   
DA  "O4'"  O  N N 8   
DA  "C3'"  C  N S 9   
DA  "O3'"  O  N N 10  
DA  "C2'"  C  N N 11  
DA  "C1'"  C  N R 12  
DA  N9     N  Y N 13  
DA  C8     C  Y N 14  
DA  N7     N  Y N 15  
DA  C5     C  Y N 16  
DA  C6     C  Y N 17  
DA  N6     N  N N 18  
DA  N1     N  Y N 19  
DA  C2     C  Y N 20  
DA  N3     N  Y N 21  
DA  C4     C  Y N 22  
DA  HOP3   H  N N 23  
DA  HOP2   H  N N 24  
DA  "H5'"  H  N N 25  
DA  "H5''" H  N N 26  
DA  "H4'"  H  N N 27  
DA  "H3'"  H  N N 28  
DA  "HO3'" H  N N 29  
DA  "H2'"  H  N N 30  
DA  "H2''" H  N N 31  
DA  "H1'"  H  N N 32  
DA  H8     H  N N 33  
DA  H61    H  N N 34  
DA  H62    H  N N 35  
DA  H2     H  N N 36  
DC  OP3    O  N N 37  
DC  P      P  N N 38  
DC  OP1    O  N N 39  
DC  OP2    O  N N 40  
DC  "O5'"  O  N N 41  
DC  "C5'"  C  N N 42  
DC  "C4'"  C  N R 43  
DC  "O4'"  O  N N 44  
DC  "C3'"  C  N S 45  
DC  "O3'"  O  N N 46  
DC  "C2'"  C  N N 47  
DC  "C1'"  C  N R 48  
DC  N1     N  N N 49  
DC  C2     C  N N 50  
DC  O2     O  N N 51  
DC  N3     N  N N 52  
DC  C4     C  N N 53  
DC  N4     N  N N 54  
DC  C5     C  N N 55  
DC  C6     C  N N 56  
DC  HOP3   H  N N 57  
DC  HOP2   H  N N 58  
DC  "H5'"  H  N N 59  
DC  "H5''" H  N N 60  
DC  "H4'"  H  N N 61  
DC  "H3'"  H  N N 62  
DC  "HO3'" H  N N 63  
DC  "H2'"  H  N N 64  
DC  "H2''" H  N N 65  
DC  "H1'"  H  N N 66  
DC  H41    H  N N 67  
DC  H42    H  N N 68  
DC  H5     H  N N 69  
DC  H6     H  N N 70  
DG  OP3    O  N N 71  
DG  P      P  N N 72  
DG  OP1    O  N N 73  
DG  OP2    O  N N 74  
DG  "O5'"  O  N N 75  
DG  "C5'"  C  N N 76  
DG  "C4'"  C  N R 77  
DG  "O4'"  O  N N 78  
DG  "C3'"  C  N S 79  
DG  "O3'"  O  N N 80  
DG  "C2'"  C  N N 81  
DG  "C1'"  C  N R 82  
DG  N9     N  Y N 83  
DG  C8     C  Y N 84  
DG  N7     N  Y N 85  
DG  C5     C  Y N 86  
DG  C6     C  N N 87  
DG  O6     O  N N 88  
DG  N1     N  N N 89  
DG  C2     C  N N 90  
DG  N2     N  N N 91  
DG  N3     N  N N 92  
DG  C4     C  Y N 93  
DG  HOP3   H  N N 94  
DG  HOP2   H  N N 95  
DG  "H5'"  H  N N 96  
DG  "H5''" H  N N 97  
DG  "H4'"  H  N N 98  
DG  "H3'"  H  N N 99  
DG  "HO3'" H  N N 100 
DG  "H2'"  H  N N 101 
DG  "H2''" H  N N 102 
DG  "H1'"  H  N N 103 
DG  H8     H  N N 104 
DG  H1     H  N N 105 
DG  H21    H  N N 106 
DG  H22    H  N N 107 
DT  OP3    O  N N 108 
DT  P      P  N N 109 
DT  OP1    O  N N 110 
DT  OP2    O  N N 111 
DT  "O5'"  O  N N 112 
DT  "C5'"  C  N N 113 
DT  "C4'"  C  N R 114 
DT  "O4'"  O  N N 115 
DT  "C3'"  C  N S 116 
DT  "O3'"  O  N N 117 
DT  "C2'"  C  N N 118 
DT  "C1'"  C  N R 119 
DT  N1     N  N N 120 
DT  C2     C  N N 121 
DT  O2     O  N N 122 
DT  N3     N  N N 123 
DT  C4     C  N N 124 
DT  O4     O  N N 125 
DT  C5     C  N N 126 
DT  C7     C  N N 127 
DT  C6     C  N N 128 
DT  HOP3   H  N N 129 
DT  HOP2   H  N N 130 
DT  "H5'"  H  N N 131 
DT  "H5''" H  N N 132 
DT  "H4'"  H  N N 133 
DT  "H3'"  H  N N 134 
DT  "HO3'" H  N N 135 
DT  "H2'"  H  N N 136 
DT  "H2''" H  N N 137 
DT  "H1'"  H  N N 138 
DT  H3     H  N N 139 
DT  H71    H  N N 140 
DT  H72    H  N N 141 
DT  H73    H  N N 142 
DT  H6     H  N N 143 
HOH O      O  N N 144 
HOH H1     H  N N 145 
HOH H2     H  N N 146 
MG  MG     MG N N 147 
# 
loop_
_chem_comp_bond.comp_id 
_chem_comp_bond.atom_id_1 
_chem_comp_bond.atom_id_2 
_chem_comp_bond.value_order 
_chem_comp_bond.pdbx_aromatic_flag 
_chem_comp_bond.pdbx_stereo_config 
_chem_comp_bond.pdbx_ordinal 
DA  OP3   P      sing N N 1   
DA  OP3   HOP3   sing N N 2   
DA  P     OP1    doub N N 3   
DA  P     OP2    sing N N 4   
DA  P     "O5'"  sing N N 5   
DA  OP2   HOP2   sing N N 6   
DA  "O5'" "C5'"  sing N N 7   
DA  "C5'" "C4'"  sing N N 8   
DA  "C5'" "H5'"  sing N N 9   
DA  "C5'" "H5''" sing N N 10  
DA  "C4'" "O4'"  sing N N 11  
DA  "C4'" "C3'"  sing N N 12  
DA  "C4'" "H4'"  sing N N 13  
DA  "O4'" "C1'"  sing N N 14  
DA  "C3'" "O3'"  sing N N 15  
DA  "C3'" "C2'"  sing N N 16  
DA  "C3'" "H3'"  sing N N 17  
DA  "O3'" "HO3'" sing N N 18  
DA  "C2'" "C1'"  sing N N 19  
DA  "C2'" "H2'"  sing N N 20  
DA  "C2'" "H2''" sing N N 21  
DA  "C1'" N9     sing N N 22  
DA  "C1'" "H1'"  sing N N 23  
DA  N9    C8     sing Y N 24  
DA  N9    C4     sing Y N 25  
DA  C8    N7     doub Y N 26  
DA  C8    H8     sing N N 27  
DA  N7    C5     sing Y N 28  
DA  C5    C6     sing Y N 29  
DA  C5    C4     doub Y N 30  
DA  C6    N6     sing N N 31  
DA  C6    N1     doub Y N 32  
DA  N6    H61    sing N N 33  
DA  N6    H62    sing N N 34  
DA  N1    C2     sing Y N 35  
DA  C2    N3     doub Y N 36  
DA  C2    H2     sing N N 37  
DA  N3    C4     sing Y N 38  
DC  OP3   P      sing N N 39  
DC  OP3   HOP3   sing N N 40  
DC  P     OP1    doub N N 41  
DC  P     OP2    sing N N 42  
DC  P     "O5'"  sing N N 43  
DC  OP2   HOP2   sing N N 44  
DC  "O5'" "C5'"  sing N N 45  
DC  "C5'" "C4'"  sing N N 46  
DC  "C5'" "H5'"  sing N N 47  
DC  "C5'" "H5''" sing N N 48  
DC  "C4'" "O4'"  sing N N 49  
DC  "C4'" "C3'"  sing N N 50  
DC  "C4'" "H4'"  sing N N 51  
DC  "O4'" "C1'"  sing N N 52  
DC  "C3'" "O3'"  sing N N 53  
DC  "C3'" "C2'"  sing N N 54  
DC  "C3'" "H3'"  sing N N 55  
DC  "O3'" "HO3'" sing N N 56  
DC  "C2'" "C1'"  sing N N 57  
DC  "C2'" "H2'"  sing N N 58  
DC  "C2'" "H2''" sing N N 59  
DC  "C1'" N1     sing N N 60  
DC  "C1'" "H1'"  sing N N 61  
DC  N1    C2     sing N N 62  
DC  N1    C6     sing N N 63  
DC  C2    O2     doub N N 64  
DC  C2    N3     sing N N 65  
DC  N3    C4     doub N N 66  
DC  C4    N4     sing N N 67  
DC  C4    C5     sing N N 68  
DC  N4    H41    sing N N 69  
DC  N4    H42    sing N N 70  
DC  C5    C6     doub N N 71  
DC  C5    H5     sing N N 72  
DC  C6    H6     sing N N 73  
DG  OP3   P      sing N N 74  
DG  OP3   HOP3   sing N N 75  
DG  P     OP1    doub N N 76  
DG  P     OP2    sing N N 77  
DG  P     "O5'"  sing N N 78  
DG  OP2   HOP2   sing N N 79  
DG  "O5'" "C5'"  sing N N 80  
DG  "C5'" "C4'"  sing N N 81  
DG  "C5'" "H5'"  sing N N 82  
DG  "C5'" "H5''" sing N N 83  
DG  "C4'" "O4'"  sing N N 84  
DG  "C4'" "C3'"  sing N N 85  
DG  "C4'" "H4'"  sing N N 86  
DG  "O4'" "C1'"  sing N N 87  
DG  "C3'" "O3'"  sing N N 88  
DG  "C3'" "C2'"  sing N N 89  
DG  "C3'" "H3'"  sing N N 90  
DG  "O3'" "HO3'" sing N N 91  
DG  "C2'" "C1'"  sing N N 92  
DG  "C2'" "H2'"  sing N N 93  
DG  "C2'" "H2''" sing N N 94  
DG  "C1'" N9     sing N N 95  
DG  "C1'" "H1'"  sing N N 96  
DG  N9    C8     sing Y N 97  
DG  N9    C4     sing Y N 98  
DG  C8    N7     doub Y N 99  
DG  C8    H8     sing N N 100 
DG  N7    C5     sing Y N 101 
DG  C5    C6     sing N N 102 
DG  C5    C4     doub Y N 103 
DG  C6    O6     doub N N 104 
DG  C6    N1     sing N N 105 
DG  N1    C2     sing N N 106 
DG  N1    H1     sing N N 107 
DG  C2    N2     sing N N 108 
DG  C2    N3     doub N N 109 
DG  N2    H21    sing N N 110 
DG  N2    H22    sing N N 111 
DG  N3    C4     sing N N 112 
DT  OP3   P      sing N N 113 
DT  OP3   HOP3   sing N N 114 
DT  P     OP1    doub N N 115 
DT  P     OP2    sing N N 116 
DT  P     "O5'"  sing N N 117 
DT  OP2   HOP2   sing N N 118 
DT  "O5'" "C5'"  sing N N 119 
DT  "C5'" "C4'"  sing N N 120 
DT  "C5'" "H5'"  sing N N 121 
DT  "C5'" "H5''" sing N N 122 
DT  "C4'" "O4'"  sing N N 123 
DT  "C4'" "C3'"  sing N N 124 
DT  "C4'" "H4'"  sing N N 125 
DT  "O4'" "C1'"  sing N N 126 
DT  "C3'" "O3'"  sing N N 127 
DT  "C3'" "C2'"  sing N N 128 
DT  "C3'" "H3'"  sing N N 129 
DT  "O3'" "HO3'" sing N N 130 
DT  "C2'" "C1'"  sing N N 131 
DT  "C2'" "H2'"  sing N N 132 
DT  "C2'" "H2''" sing N N 133 
DT  "C1'" N1     sing N N 134 
DT  "C1'" "H1'"  sing N N 135 
DT  N1    C2     sing N N 136 
DT  N1    C6     sing N N 137 
DT  C2    O2     doub N N 138 
DT  C2    N3     sing N N 139 
DT  N3    C4     sing N N 140 
DT  N3    H3     sing N N 141 
DT  C4    O4     doub N N 142 
DT  C4    C5     sing N N 143 
DT  C5    C7     sing N N 144 
DT  C5    C6     doub N N 145 
DT  C7    H71    sing N N 146 
DT  C7    H72    sing N N 147 
DT  C7    H73    sing N N 148 
DT  C6    H6     sing N N 149 
HOH O     H1     sing N N 150 
HOH O     H2     sing N N 151 
# 
loop_
_ndb_struct_conf_na.entry_id 
_ndb_struct_conf_na.feature 
4RO4 'double helix'         
4RO4 'parallel strands'     
4RO4 'mismatched base pair' 
# 
loop_
_ndb_struct_na_base_pair.model_number 
_ndb_struct_na_base_pair.i_label_asym_id 
_ndb_struct_na_base_pair.i_label_comp_id 
_ndb_struct_na_base_pair.i_label_seq_id 
_ndb_struct_na_base_pair.i_symmetry 
_ndb_struct_na_base_pair.j_label_asym_id 
_ndb_struct_na_base_pair.j_label_comp_id 
_ndb_struct_na_base_pair.j_label_seq_id 
_ndb_struct_na_base_pair.j_symmetry 
_ndb_struct_na_base_pair.shear 
_ndb_struct_na_base_pair.stretch 
_ndb_struct_na_base_pair.stagger 
_ndb_struct_na_base_pair.buckle 
_ndb_struct_na_base_pair.propeller 
_ndb_struct_na_base_pair.opening 
_ndb_struct_na_base_pair.pair_number 
_ndb_struct_na_base_pair.pair_name 
_ndb_struct_na_base_pair.i_auth_asym_id 
_ndb_struct_na_base_pair.i_auth_seq_id 
_ndb_struct_na_base_pair.i_PDB_ins_code 
_ndb_struct_na_base_pair.j_auth_asym_id 
_ndb_struct_na_base_pair.j_auth_seq_id 
_ndb_struct_na_base_pair.j_PDB_ins_code 
_ndb_struct_na_base_pair.hbond_type_28 
_ndb_struct_na_base_pair.hbond_type_12 
1 A DG 1 1_555 A DG 10 5_555 -5.915 -0.908 -0.467 -0.203 -7.127 -117.454 1 A_DG1:DG10_A A 1 ? A 10 ? 7 4  
1 A DG 2 1_555 A DG 11 5_555 2.997  7.885  -0.660 -0.860 26.796 171.253  2 A_DG2:DG11_A A 2 ? A 11 ? 4 12 
1 A DA 3 1_555 A DA 12 5_555 -5.686 4.994  0.127  -6.256 31.738 -179.057 3 A_DA3:DA12_A A 3 ? A 12 ? 2 7  
# 
loop_
_ndb_struct_na_base_pair_step.model_number 
_ndb_struct_na_base_pair_step.i_label_asym_id_1 
_ndb_struct_na_base_pair_step.i_label_comp_id_1 
_ndb_struct_na_base_pair_step.i_label_seq_id_1 
_ndb_struct_na_base_pair_step.i_symmetry_1 
_ndb_struct_na_base_pair_step.j_label_asym_id_1 
_ndb_struct_na_base_pair_step.j_label_comp_id_1 
_ndb_struct_na_base_pair_step.j_label_seq_id_1 
_ndb_struct_na_base_pair_step.j_symmetry_1 
_ndb_struct_na_base_pair_step.i_label_asym_id_2 
_ndb_struct_na_base_pair_step.i_label_comp_id_2 
_ndb_struct_na_base_pair_step.i_label_seq_id_2 
_ndb_struct_na_base_pair_step.i_symmetry_2 
_ndb_struct_na_base_pair_step.j_label_asym_id_2 
_ndb_struct_na_base_pair_step.j_label_comp_id_2 
_ndb_struct_na_base_pair_step.j_label_seq_id_2 
_ndb_struct_na_base_pair_step.j_symmetry_2 
_ndb_struct_na_base_pair_step.shift 
_ndb_struct_na_base_pair_step.slide 
_ndb_struct_na_base_pair_step.rise 
_ndb_struct_na_base_pair_step.tilt 
_ndb_struct_na_base_pair_step.roll 
_ndb_struct_na_base_pair_step.twist 
_ndb_struct_na_base_pair_step.x_displacement 
_ndb_struct_na_base_pair_step.y_displacement 
_ndb_struct_na_base_pair_step.helical_rise 
_ndb_struct_na_base_pair_step.inclination 
_ndb_struct_na_base_pair_step.tip 
_ndb_struct_na_base_pair_step.helical_twist 
_ndb_struct_na_base_pair_step.step_number 
_ndb_struct_na_base_pair_step.step_name 
_ndb_struct_na_base_pair_step.i_auth_asym_id_1 
_ndb_struct_na_base_pair_step.i_auth_seq_id_1 
_ndb_struct_na_base_pair_step.i_PDB_ins_code_1 
_ndb_struct_na_base_pair_step.j_auth_asym_id_1 
_ndb_struct_na_base_pair_step.j_auth_seq_id_1 
_ndb_struct_na_base_pair_step.j_PDB_ins_code_1 
_ndb_struct_na_base_pair_step.i_auth_asym_id_2 
_ndb_struct_na_base_pair_step.i_auth_seq_id_2 
_ndb_struct_na_base_pair_step.i_PDB_ins_code_2 
_ndb_struct_na_base_pair_step.j_auth_asym_id_2 
_ndb_struct_na_base_pair_step.j_auth_seq_id_2 
_ndb_struct_na_base_pair_step.j_PDB_ins_code_2 
1 A DG 1 1_555 A DG 10 5_555 A DG 2 1_555 A DG 11 5_555 3.612 0.557 3.337 -115.176 128.885 -39.053 -1.948 0.318  2.993 -66.216 
-59.173 -173.261 1 AA_DG1DG2:DG11DG10_AA A 1 ? A 10 ? A 2 ? A 11 ? 
1 A DG 2 1_555 A DG 11 5_555 A DA 3 1_555 A DA 12 5_555 0.207 0.276 4.581 -0.769   1.897   174.485 0.136  -0.104 4.581 0.950   
0.385   174.486  2 AA_DG2DA3:DA12DG11_AA A 2 ? A 11 ? A 3 ? A 12 ? 
# 
loop_
_pdbx_entity_nonpoly.entity_id 
_pdbx_entity_nonpoly.name 
_pdbx_entity_nonpoly.comp_id 
2 'MAGNESIUM ION' MG  
3 water           HOH 
# 
_pdbx_initial_refinement_model.id               1 
_pdbx_initial_refinement_model.entity_id_list   ? 
_pdbx_initial_refinement_model.type             'experimental model' 
_pdbx_initial_refinement_model.source_name      PDB 
_pdbx_initial_refinement_model.accession_code   1P1Y 
_pdbx_initial_refinement_model.details          'PDB ENTRY 1P1Y' 
# 
